data_3P5P
#
_entry.id   3P5P
#
_cell.length_a   55.464
_cell.length_b   72.414
_cell.length_c   206.931
_cell.angle_alpha   90.00
_cell.angle_beta   90.00
_cell.angle_gamma   90.00
#
_symmetry.space_group_name_H-M   'P 21 21 21'
#
loop_
_entity.id
_entity.type
_entity.pdbx_description
1 polymer 'Taxadiene synthase'
2 non-polymer 'MAGNESIUM ION'
3 non-polymer '2-(methyl{2-[(1S,4aS,8aS)-5,5,8a-trimethyl-2-methylidenedecahydronaphthalen-1-yl]ethyl}amino)ethyl trihydrogen diphosphate'
4 non-polymer 1,2-ETHANEDIOL
5 water water
#
_entity_poly.entity_id   1
_entity_poly.type   'polypeptide(L)'
_entity_poly.pdbx_seq_one_letter_code
;MESSTYQERADELVVKIKDMFNALGDGDISPSAYDTAWVARLATISSDGSEKPRFPQALNWVFNNQLQDGSWGIESHFSL
CDRLLNTTNSVIALSVWKTGHSQVQQGAEFIAENLRLLNEEDELSPDFQIIFPALLQKAKALGINLPYDLPFIKYLSTTR
EARLTDVSAAADNIPANMLNALEGLEEVIDWNKIMRFQSKDGSFLSSPASTACVLMNTGDEKCFTFLNNLLDKFGGCVPC
MYSIDLLERLSLVDNIEHLGIGRHFKQEIKGALDYVYRHWSERGIGWGRDSLVPDLNTTALGLRTLRMHGYNVSSDVLNN
FKDENGRFFSSAGQTHVELRSVVNLFRASDLAFPDERAMDDARKFAEPYLREALATKISTNTKLFKEIEYVVEYPWHMSI
PRLEARSYIDSYDDNYVWQRKTLYRMPSLSNSKCLELAKLDFNIVQSLHQEELKLLTRWWKESGMADINFTRHRVAEVYF
SSATFEPEYSATRIAFTKIGCLQVLFDDMADIFATLDELKSFTEGVKRWDTSLLHEIPECMQTCFKVWFKLMEEVNNDVV
KVQGRDMLAHIRKPWELYFNCYVQEREWLEAGYIPTFEEYLKTYAISVGLGPCTLQPILLMGELVKDDVVEKVHYPSNMF
ELVSLSWRLTNDTKTYQAEKARGQQASGIACYMKDNPGATEEDAIKHICRVVDRALKEASFEYFKPSNDIPMGCKSFIFN
LRLCVQIFYKFIDGYGIANEEIKDYIRKVYIDPIQVGSHHHHHH
;
_entity_poly.pdbx_strand_id   A
#
loop_
_chem_comp.id
_chem_comp.type
_chem_comp.name
_chem_comp.formula
A3C non-polymer '2-(methyl{2-[(1S,4aS,8aS)-5,5,8a-trimethyl-2-methylidenedecahydronaphthalen-1-yl]ethyl}amino)ethyl trihydrogen diphosphate' 'C19 H37 N O7 P2'
EDO non-polymer 1,2-ETHANEDIOL 'C2 H6 O2'
MG non-polymer 'MAGNESIUM ION' 'Mg 2'
#
# COMPACT_ATOMS: atom_id res chain seq x y z
N THR A 5 -29.42 10.65 0.27
CA THR A 5 -28.75 10.37 1.55
C THR A 5 -27.45 9.60 1.33
N TYR A 6 -26.52 9.71 2.28
CA TYR A 6 -25.22 9.08 2.16
C TYR A 6 -25.32 7.57 1.95
N GLN A 7 -26.11 6.92 2.78
CA GLN A 7 -26.20 5.46 2.73
C GLN A 7 -26.75 4.96 1.41
N GLU A 8 -27.69 5.71 0.83
CA GLU A 8 -28.26 5.32 -0.45
C GLU A 8 -27.25 5.49 -1.59
N ARG A 9 -26.52 6.60 -1.57
CA ARG A 9 -25.51 6.84 -2.59
C ARG A 9 -24.39 5.81 -2.47
N ALA A 10 -23.95 5.54 -1.25
CA ALA A 10 -22.92 4.54 -1.01
C ALA A 10 -23.37 3.16 -1.51
N ASP A 11 -24.60 2.80 -1.18
CA ASP A 11 -25.12 1.49 -1.59
C ASP A 11 -25.08 1.29 -3.10
N GLU A 12 -25.45 2.32 -3.86
CA GLU A 12 -25.47 2.15 -5.31
C GLU A 12 -24.06 2.17 -5.91
N LEU A 13 -23.15 2.90 -5.28
CA LEU A 13 -21.75 2.89 -5.69
C LEU A 13 -21.12 1.51 -5.44
N VAL A 14 -21.51 0.86 -4.35
CA VAL A 14 -21.05 -0.51 -4.09
C VAL A 14 -21.52 -1.43 -5.22
N VAL A 15 -22.77 -1.30 -5.62
CA VAL A 15 -23.28 -2.07 -6.76
C VAL A 15 -22.47 -1.77 -8.02
N LYS A 16 -22.23 -0.49 -8.29
CA LYS A 16 -21.50 -0.09 -9.49
C LYS A 16 -20.06 -0.62 -9.51
N ILE A 17 -19.42 -0.64 -8.35
CA ILE A 17 -18.05 -1.11 -8.26
C ILE A 17 -17.99 -2.64 -8.37
N LYS A 18 -18.97 -3.31 -7.79
CA LYS A 18 -19.09 -4.75 -7.97
C LYS A 18 -19.25 -5.12 -9.46
N ASP A 19 -20.03 -4.33 -10.19
CA ASP A 19 -20.18 -4.55 -11.64
C ASP A 19 -18.82 -4.47 -12.33
N MET A 20 -18.03 -3.47 -11.94
CA MET A 20 -16.68 -3.29 -12.47
C MET A 20 -15.84 -4.55 -12.22
N PHE A 21 -15.83 -5.04 -10.99
CA PHE A 21 -15.15 -6.29 -10.68
C PHE A 21 -15.66 -7.42 -11.57
N ASN A 22 -16.98 -7.53 -11.73
CA ASN A 22 -17.55 -8.63 -12.50
C ASN A 22 -17.17 -8.54 -13.97
N ALA A 23 -16.88 -7.31 -14.42
CA ALA A 23 -16.62 -7.05 -15.83
C ALA A 23 -15.12 -7.04 -16.14
N LEU A 24 -14.30 -7.33 -15.14
CA LEU A 24 -12.86 -7.37 -15.34
C LEU A 24 -12.50 -8.38 -16.43
N GLY A 25 -11.64 -7.97 -17.35
CA GLY A 25 -11.15 -8.84 -18.41
C GLY A 25 -9.70 -8.56 -18.68
N ASP A 26 -9.38 -8.20 -19.93
CA ASP A 26 -8.01 -7.93 -20.31
C ASP A 26 -7.59 -6.51 -19.97
N GLY A 27 -8.53 -5.68 -19.53
CA GLY A 27 -8.20 -4.35 -19.06
C GLY A 27 -8.90 -3.20 -19.76
N ASP A 28 -9.20 -2.18 -18.98
CA ASP A 28 -9.80 -0.93 -19.48
C ASP A 28 -8.70 0.12 -19.57
N ILE A 29 -8.42 0.56 -20.79
CA ILE A 29 -7.33 1.50 -21.04
C ILE A 29 -7.67 2.34 -22.27
N SER A 30 -7.20 3.58 -22.30
CA SER A 30 -7.59 4.51 -23.36
C SER A 30 -6.95 4.19 -24.70
N PRO A 31 -7.58 4.66 -25.79
CA PRO A 31 -6.92 4.57 -27.09
C PRO A 31 -5.63 5.38 -27.06
N SER A 32 -4.64 4.92 -27.81
CA SER A 32 -3.38 5.64 -27.95
C SER A 32 -3.19 6.16 -29.38
N ALA A 33 -3.12 7.47 -29.55
CA ALA A 33 -2.89 8.03 -30.88
C ALA A 33 -1.54 7.61 -31.46
N TYR A 34 -0.49 7.67 -30.65
CA TYR A 34 0.85 7.30 -31.09
C TYR A 34 0.88 5.86 -31.61
N ASP A 35 0.30 4.93 -30.84
CA ASP A 35 0.32 3.52 -31.21
C ASP A 35 -0.60 3.23 -32.41
N THR A 36 -1.79 3.79 -32.39
CA THR A 36 -2.72 3.59 -33.47
C THR A 36 -2.16 4.11 -34.80
N ALA A 37 -1.43 5.24 -34.76
CA ALA A 37 -0.81 5.78 -35.95
C ALA A 37 0.30 4.86 -36.48
N TRP A 38 1.04 4.21 -35.59
CA TRP A 38 2.07 3.26 -36.02
C TRP A 38 1.39 2.07 -36.71
N VAL A 39 0.30 1.58 -36.11
CA VAL A 39 -0.47 0.49 -36.70
C VAL A 39 -1.00 0.92 -38.07
N ALA A 40 -1.37 2.20 -38.18
CA ALA A 40 -1.94 2.73 -39.42
C ALA A 40 -0.94 2.82 -40.58
N ARG A 41 0.35 2.80 -40.27
CA ARG A 41 1.40 2.92 -41.28
C ARG A 41 1.61 1.62 -42.05
N LEU A 42 1.21 0.51 -41.46
CA LEU A 42 1.39 -0.82 -42.04
C LEU A 42 0.71 -1.00 -43.39
N ALA A 43 1.44 -1.62 -44.32
CA ALA A 43 0.95 -1.81 -45.68
C ALA A 43 0.65 -3.28 -45.99
N THR A 44 -0.29 -3.48 -46.91
CA THR A 44 -0.52 -4.77 -47.53
C THR A 44 -0.60 -4.54 -49.05
N ILE A 45 -0.48 -5.62 -49.82
CA ILE A 45 -0.53 -5.52 -51.28
C ILE A 45 -1.84 -6.09 -51.80
N SER A 46 -2.54 -5.32 -52.63
CA SER A 46 -3.82 -5.75 -53.17
C SER A 46 -3.60 -6.79 -54.27
N SER A 47 -4.70 -7.35 -54.76
CA SER A 47 -4.66 -8.33 -55.84
C SER A 47 -3.92 -7.80 -57.05
N ASP A 48 -4.05 -6.50 -57.32
CA ASP A 48 -3.46 -5.88 -58.50
C ASP A 48 -2.03 -5.39 -58.26
N GLY A 49 -1.52 -5.56 -57.04
CA GLY A 49 -0.15 -5.19 -56.76
C GLY A 49 0.04 -3.81 -56.17
N SER A 50 -1.07 -3.09 -55.97
CA SER A 50 -0.99 -1.78 -55.36
C SER A 50 -0.95 -1.88 -53.84
N GLU A 51 -0.25 -0.94 -53.20
CA GLU A 51 -0.18 -0.87 -51.74
C GLU A 51 -1.46 -0.24 -51.17
N LYS A 52 -1.90 -0.75 -50.02
CA LYS A 52 -3.01 -0.14 -49.28
C LYS A 52 -2.78 -0.40 -47.80
N PRO A 53 -3.48 0.36 -46.93
CA PRO A 53 -3.31 0.13 -45.49
C PRO A 53 -3.68 -1.30 -45.11
N ARG A 54 -2.81 -1.94 -44.34
CA ARG A 54 -3.12 -3.26 -43.83
C ARG A 54 -4.27 -3.18 -42.84
N PHE A 55 -4.30 -2.10 -42.07
CA PHE A 55 -5.36 -1.91 -41.08
C PHE A 55 -6.08 -0.58 -41.30
N PRO A 56 -6.95 -0.51 -42.33
CA PRO A 56 -7.64 0.74 -42.68
C PRO A 56 -8.44 1.32 -41.53
N GLN A 57 -8.91 0.47 -40.61
CA GLN A 57 -9.64 0.96 -39.45
C GLN A 57 -8.77 1.86 -38.58
N ALA A 58 -7.49 1.52 -38.46
CA ALA A 58 -6.58 2.29 -37.63
C ALA A 58 -6.31 3.64 -38.27
N LEU A 59 -6.14 3.64 -39.59
CA LEU A 59 -5.94 4.90 -40.32
C LEU A 59 -7.14 5.82 -40.16
N ASN A 60 -8.32 5.24 -40.27
CA ASN A 60 -9.55 6.00 -40.11
C ASN A 60 -9.71 6.56 -38.69
N TRP A 61 -9.24 5.81 -37.69
CA TRP A 61 -9.26 6.32 -36.32
C TRP A 61 -8.43 7.58 -36.25
N VAL A 62 -7.23 7.53 -36.83
CA VAL A 62 -6.34 8.71 -36.83
C VAL A 62 -7.06 9.86 -37.52
N PHE A 63 -7.66 9.56 -38.66
CA PHE A 63 -8.35 10.55 -39.49
C PHE A 63 -9.41 11.29 -38.68
N ASN A 64 -10.10 10.55 -37.83
CA ASN A 64 -11.27 11.05 -37.12
C ASN A 64 -11.05 11.53 -35.69
N ASN A 65 -9.81 11.49 -35.21
CA ASN A 65 -9.59 11.82 -33.79
C ASN A 65 -8.61 12.94 -33.48
N GLN A 66 -8.42 13.84 -34.44
CA GLN A 66 -7.61 15.02 -34.20
C GLN A 66 -8.32 15.94 -33.21
N LEU A 67 -7.55 16.55 -32.31
CA LEU A 67 -8.09 17.50 -31.35
C LEU A 67 -8.23 18.89 -31.98
N GLN A 68 -8.97 19.75 -31.30
CA GLN A 68 -9.31 21.06 -31.83
C GLN A 68 -8.09 21.89 -32.19
N ASP A 69 -7.02 21.75 -31.42
CA ASP A 69 -5.81 22.55 -31.65
C ASP A 69 -4.86 21.97 -32.69
N GLY A 70 -5.27 20.88 -33.35
CA GLY A 70 -4.46 20.28 -34.38
C GLY A 70 -3.65 19.08 -33.90
N SER A 71 -3.54 18.92 -32.58
CA SER A 71 -2.79 17.80 -32.01
C SER A 71 -3.66 16.55 -31.89
N TRP A 72 -3.03 15.42 -31.58
CA TRP A 72 -3.72 14.23 -31.10
C TRP A 72 -3.23 13.94 -29.67
N GLY A 73 -4.07 13.30 -28.88
CA GLY A 73 -3.72 12.98 -27.51
C GLY A 73 -4.95 12.97 -26.64
N ILE A 74 -4.74 13.07 -25.33
CA ILE A 74 -5.84 13.12 -24.37
C ILE A 74 -6.20 14.58 -24.11
N GLU A 75 -7.41 14.96 -24.50
CA GLU A 75 -7.80 16.37 -24.57
C GLU A 75 -7.60 17.15 -23.27
N SER A 76 -8.14 16.63 -22.17
CA SER A 76 -8.12 17.34 -20.89
C SER A 76 -6.78 17.23 -20.17
N HIS A 77 -5.82 16.54 -20.78
CA HIS A 77 -4.52 16.34 -20.14
C HIS A 77 -3.37 16.63 -21.09
N PHE A 78 -3.08 17.91 -21.27
CA PHE A 78 -2.02 18.33 -22.19
C PHE A 78 -0.66 18.08 -21.57
N SER A 79 0.26 17.56 -22.38
CA SER A 79 1.66 17.44 -22.00
C SER A 79 2.45 17.53 -23.30
N LEU A 80 3.51 18.33 -23.30
CA LEU A 80 4.22 18.66 -24.55
C LEU A 80 4.76 17.43 -25.29
N CYS A 81 5.45 16.56 -24.56
CA CYS A 81 6.08 15.41 -25.20
C CYS A 81 5.03 14.48 -25.80
N ASP A 82 4.00 14.18 -25.02
CA ASP A 82 2.89 13.36 -25.48
C ASP A 82 2.28 13.91 -26.78
N ARG A 83 1.92 15.19 -26.77
CA ARG A 83 1.26 15.78 -27.95
C ARG A 83 2.19 15.74 -29.16
N LEU A 84 3.48 15.97 -28.94
CA LEU A 84 4.44 15.96 -30.04
C LEU A 84 4.58 14.57 -30.67
N LEU A 85 4.60 13.54 -29.83
CA LEU A 85 4.70 12.18 -30.33
C LEU A 85 3.41 11.76 -31.04
N ASN A 86 2.27 11.98 -30.40
CA ASN A 86 0.99 11.60 -30.98
C ASN A 86 0.73 12.29 -32.31
N THR A 87 0.96 13.59 -32.33
CA THR A 87 0.67 14.41 -33.51
C THR A 87 1.62 14.09 -34.66
N THR A 88 2.92 14.01 -34.35
CA THR A 88 3.87 13.71 -35.41
C THR A 88 3.60 12.35 -36.05
N ASN A 89 3.35 11.32 -35.25
CA ASN A 89 3.07 10.02 -35.86
C ASN A 89 1.77 10.01 -36.63
N SER A 90 0.76 10.72 -36.13
CA SER A 90 -0.52 10.81 -36.83
C SER A 90 -0.35 11.48 -38.21
N VAL A 91 0.39 12.59 -38.27
CA VAL A 91 0.61 13.27 -39.54
C VAL A 91 1.40 12.38 -40.50
N ILE A 92 2.31 11.59 -39.93
CA ILE A 92 3.06 10.61 -40.74
C ILE A 92 2.12 9.58 -41.33
N ALA A 93 1.24 9.00 -40.51
CA ALA A 93 0.31 7.98 -40.98
C ALA A 93 -0.55 8.50 -42.12
N LEU A 94 -1.13 9.68 -41.95
CA LEU A 94 -2.00 10.24 -42.99
C LEU A 94 -1.24 10.57 -44.26
N SER A 95 -0.01 11.08 -44.09
CA SER A 95 0.84 11.46 -45.22
C SER A 95 1.26 10.25 -46.05
N VAL A 96 1.62 9.17 -45.36
CA VAL A 96 2.02 7.94 -46.04
C VAL A 96 0.93 7.46 -46.98
N TRP A 97 -0.33 7.60 -46.55
CA TRP A 97 -1.43 7.10 -47.37
C TRP A 97 -2.11 8.20 -48.18
N LYS A 98 -1.43 9.33 -48.30
CA LYS A 98 -1.89 10.46 -49.12
C LYS A 98 -3.34 10.83 -48.80
N THR A 99 -3.64 11.00 -47.53
CA THR A 99 -5.00 11.34 -47.13
C THR A 99 -4.99 12.35 -46.00
N GLY A 100 -6.16 12.78 -45.59
CA GLY A 100 -6.28 13.70 -44.47
C GLY A 100 -5.48 14.98 -44.64
N HIS A 101 -5.55 15.58 -45.82
CA HIS A 101 -4.74 16.78 -46.08
C HIS A 101 -4.95 17.91 -45.07
N SER A 102 -6.21 18.18 -44.72
CA SER A 102 -6.47 19.27 -43.79
C SER A 102 -5.91 18.97 -42.39
N GLN A 103 -6.15 17.76 -41.90
CA GLN A 103 -5.62 17.38 -40.59
C GLN A 103 -4.09 17.43 -40.59
N VAL A 104 -3.46 17.02 -41.69
CA VAL A 104 -2.02 17.06 -41.79
C VAL A 104 -1.52 18.50 -41.67
N GLN A 105 -2.19 19.42 -42.37
CA GLN A 105 -1.80 20.82 -42.32
C GLN A 105 -1.86 21.37 -40.90
N GLN A 106 -2.99 21.14 -40.22
CA GLN A 106 -3.18 21.65 -38.87
C GLN A 106 -2.24 20.95 -37.88
N GLY A 107 -1.99 19.66 -38.12
CA GLY A 107 -1.04 18.90 -37.33
C GLY A 107 0.37 19.47 -37.42
N ALA A 108 0.81 19.76 -38.63
CA ALA A 108 2.13 20.36 -38.84
C ALA A 108 2.25 21.71 -38.15
N GLU A 109 1.17 22.50 -38.19
CA GLU A 109 1.15 23.80 -37.51
C GLU A 109 1.34 23.64 -35.99
N PHE A 110 0.64 22.69 -35.41
CA PHE A 110 0.78 22.43 -33.98
C PHE A 110 2.21 22.03 -33.66
N ILE A 111 2.77 21.10 -34.44
CA ILE A 111 4.11 20.60 -34.18
C ILE A 111 5.15 21.73 -34.28
N ALA A 112 5.10 22.49 -35.35
CA ALA A 112 6.01 23.62 -35.52
C ALA A 112 5.92 24.61 -34.35
N GLU A 113 4.70 24.96 -33.95
CA GLU A 113 4.50 25.89 -32.84
C GLU A 113 5.11 25.36 -31.54
N ASN A 114 4.99 24.05 -31.31
CA ASN A 114 5.40 23.47 -30.04
C ASN A 114 6.84 22.96 -29.99
N LEU A 115 7.45 22.71 -31.14
CA LEU A 115 8.87 22.39 -31.17
C LEU A 115 9.66 23.57 -30.63
N ARG A 116 9.14 24.78 -30.86
CA ARG A 116 9.76 25.99 -30.35
C ARG A 116 9.65 26.14 -28.84
N LEU A 117 8.93 25.21 -28.19
CA LEU A 117 8.73 25.27 -26.74
C LEU A 117 9.48 24.16 -26.01
N LEU A 118 10.03 23.23 -26.77
CA LEU A 118 10.82 22.15 -26.20
C LEU A 118 12.20 22.70 -25.83
N ASN A 119 12.54 22.69 -24.54
CA ASN A 119 13.83 23.19 -24.11
C ASN A 119 14.59 22.21 -23.20
N GLU A 120 15.85 22.53 -22.93
CA GLU A 120 16.75 21.62 -22.22
C GLU A 120 16.38 21.41 -20.76
N GLU A 121 15.43 22.19 -20.26
CA GLU A 121 15.02 22.08 -18.86
C GLU A 121 13.66 21.39 -18.72
N ASP A 122 12.96 21.22 -19.84
CA ASP A 122 11.73 20.44 -19.85
C ASP A 122 12.06 18.99 -19.48
N GLU A 123 11.29 18.43 -18.56
CA GLU A 123 11.42 17.02 -18.24
C GLU A 123 10.89 16.22 -19.42
N LEU A 124 11.76 15.45 -20.07
CA LEU A 124 11.33 14.65 -21.21
C LEU A 124 10.77 13.30 -20.77
N SER A 125 9.76 12.83 -21.50
CA SER A 125 9.13 11.55 -21.16
C SER A 125 10.05 10.39 -21.52
N PRO A 126 9.81 9.20 -20.92
CA PRO A 126 10.72 8.06 -21.12
C PRO A 126 11.04 7.76 -22.59
N ASP A 127 12.35 7.70 -22.89
CA ASP A 127 12.88 7.39 -24.22
C ASP A 127 12.49 8.37 -25.31
N PHE A 128 11.94 9.53 -24.92
CA PHE A 128 11.54 10.55 -25.89
C PHE A 128 12.69 10.93 -26.80
N GLN A 129 13.89 10.99 -26.24
CA GLN A 129 15.07 11.40 -27.00
C GLN A 129 15.45 10.41 -28.11
N ILE A 130 14.87 9.21 -28.05
CA ILE A 130 15.06 8.21 -29.08
C ILE A 130 13.86 8.10 -30.01
N ILE A 131 12.67 7.97 -29.43
CA ILE A 131 11.49 7.71 -30.24
C ILE A 131 11.00 8.95 -31.00
N PHE A 132 11.23 10.14 -30.44
CA PHE A 132 10.77 11.35 -31.15
C PHE A 132 11.61 11.74 -32.37
N PRO A 133 12.95 11.82 -32.23
CA PRO A 133 13.73 12.15 -33.43
C PRO A 133 13.56 11.11 -34.54
N ALA A 134 13.22 9.87 -34.18
CA ALA A 134 12.92 8.86 -35.21
C ALA A 134 11.69 9.27 -36.03
N LEU A 135 10.66 9.80 -35.35
CA LEU A 135 9.51 10.31 -36.07
C LEU A 135 9.88 11.53 -36.92
N LEU A 136 10.72 12.41 -36.38
CA LEU A 136 11.10 13.60 -37.15
C LEU A 136 11.83 13.22 -38.45
N GLN A 137 12.66 12.20 -38.37
CA GLN A 137 13.39 11.70 -39.53
C GLN A 137 12.42 11.25 -40.62
N LYS A 138 11.39 10.52 -40.23
CA LYS A 138 10.35 10.06 -41.16
C LYS A 138 9.58 11.24 -41.72
N ALA A 139 9.18 12.18 -40.87
CA ALA A 139 8.42 13.35 -41.33
C ALA A 139 9.23 14.13 -42.37
N LYS A 140 10.52 14.28 -42.13
CA LYS A 140 11.37 15.03 -43.03
C LYS A 140 11.47 14.34 -44.38
N ALA A 141 11.55 13.01 -44.36
CA ALA A 141 11.61 12.23 -45.59
C ALA A 141 10.30 12.32 -46.37
N LEU A 142 9.19 12.47 -45.64
CA LEU A 142 7.89 12.63 -46.28
C LEU A 142 7.70 14.06 -46.78
N GLY A 143 8.68 14.92 -46.50
CA GLY A 143 8.63 16.29 -46.96
C GLY A 143 7.71 17.19 -46.17
N ILE A 144 7.41 16.82 -44.93
CA ILE A 144 6.61 17.66 -44.05
C ILE A 144 7.46 18.84 -43.54
N ASN A 145 6.92 20.04 -43.65
CA ASN A 145 7.66 21.24 -43.32
C ASN A 145 7.66 21.55 -41.82
N LEU A 146 8.77 21.25 -41.15
CA LEU A 146 8.91 21.49 -39.71
C LEU A 146 10.26 22.13 -39.45
N PRO A 147 10.38 22.86 -38.33
CA PRO A 147 11.67 23.49 -37.99
C PRO A 147 12.66 22.46 -37.43
N TYR A 148 13.09 21.52 -38.25
CA TYR A 148 13.93 20.42 -37.81
C TYR A 148 15.28 20.89 -37.26
N ASP A 149 15.71 22.08 -37.67
CA ASP A 149 17.05 22.55 -37.34
C ASP A 149 17.13 23.48 -36.13
N LEU A 150 16.03 23.66 -35.41
CA LEU A 150 16.08 24.39 -34.14
C LEU A 150 17.14 23.69 -33.28
N PRO A 151 17.89 24.46 -32.48
CA PRO A 151 19.03 23.94 -31.71
C PRO A 151 18.73 22.70 -30.87
N PHE A 152 17.67 22.74 -30.07
CA PHE A 152 17.39 21.60 -29.19
C PHE A 152 16.87 20.40 -29.98
N ILE A 153 16.21 20.66 -31.09
CA ILE A 153 15.72 19.59 -31.95
C ILE A 153 16.89 18.89 -32.63
N LYS A 154 17.86 19.66 -33.09
CA LYS A 154 19.08 19.10 -33.68
C LYS A 154 19.81 18.28 -32.60
N TYR A 155 19.80 18.80 -31.38
CA TYR A 155 20.43 18.10 -30.27
C TYR A 155 19.79 16.72 -30.02
N LEU A 156 18.46 16.66 -30.01
CA LEU A 156 17.78 15.38 -29.87
C LEU A 156 18.17 14.42 -31.00
N SER A 157 18.23 14.93 -32.24
CA SER A 157 18.58 14.07 -33.37
C SER A 157 19.99 13.52 -33.25
N THR A 158 20.90 14.36 -32.76
CA THR A 158 22.30 13.98 -32.58
C THR A 158 22.44 12.92 -31.50
N THR A 159 21.72 13.09 -30.41
CA THR A 159 21.72 12.10 -29.32
C THR A 159 21.20 10.75 -29.82
N ARG A 160 20.11 10.76 -30.58
CA ARG A 160 19.60 9.53 -31.17
C ARG A 160 20.64 8.86 -32.07
N GLU A 161 21.31 9.64 -32.91
CA GLU A 161 22.34 9.11 -33.78
C GLU A 161 23.47 8.43 -32.99
N ALA A 162 23.80 8.95 -31.83
CA ALA A 162 24.78 8.29 -30.98
C ALA A 162 24.26 6.94 -30.46
N ARG A 163 22.97 6.90 -30.11
CA ARG A 163 22.36 5.66 -29.65
C ARG A 163 22.35 4.59 -30.76
N LEU A 164 22.11 5.04 -31.98
CA LEU A 164 22.09 4.14 -33.15
C LEU A 164 23.45 3.47 -33.33
N THR A 165 24.52 4.25 -33.21
CA THR A 165 25.87 3.71 -33.37
C THR A 165 26.22 2.74 -32.24
N ASP A 166 25.78 3.04 -31.03
CA ASP A 166 25.97 2.13 -29.90
C ASP A 166 25.36 0.76 -30.17
N VAL A 167 24.16 0.74 -30.77
CA VAL A 167 23.49 -0.53 -31.06
C VAL A 167 24.17 -1.27 -32.21
N SER A 168 24.55 -0.53 -33.26
CA SER A 168 25.15 -1.14 -34.44
C SER A 168 26.53 -1.69 -34.10
N ALA A 169 27.20 -1.08 -33.13
CA ALA A 169 28.51 -1.51 -32.70
C ALA A 169 28.46 -2.64 -31.67
N ALA A 170 27.27 -2.92 -31.15
CA ALA A 170 27.09 -3.97 -30.15
C ALA A 170 27.11 -5.35 -30.79
N ALA A 171 27.97 -6.23 -30.30
CA ALA A 171 28.09 -7.58 -30.85
C ALA A 171 26.72 -8.26 -30.93
N ASP A 172 25.90 -8.06 -29.89
CA ASP A 172 24.59 -8.68 -29.80
C ASP A 172 23.44 -7.75 -30.19
N ASN A 173 23.77 -6.67 -30.91
CA ASN A 173 22.74 -5.75 -31.41
C ASN A 173 21.93 -5.10 -30.27
N ILE A 174 20.66 -4.83 -30.51
CA ILE A 174 19.85 -4.09 -29.52
C ILE A 174 19.79 -4.82 -28.17
N PRO A 175 20.23 -4.15 -27.09
CA PRO A 175 20.22 -4.74 -25.74
C PRO A 175 18.81 -4.72 -25.17
N ALA A 176 18.52 -5.60 -24.22
CA ALA A 176 17.19 -5.66 -23.62
C ALA A 176 16.70 -4.31 -23.12
N ASN A 177 17.59 -3.54 -22.50
CA ASN A 177 17.18 -2.29 -21.86
C ASN A 177 16.83 -1.18 -22.86
N MET A 178 16.96 -1.46 -24.15
CA MET A 178 16.55 -0.52 -25.18
C MET A 178 15.26 -0.98 -25.87
N LEU A 179 14.72 -2.09 -25.39
CA LEU A 179 13.53 -2.70 -26.02
C LEU A 179 12.35 -1.73 -26.03
N ASN A 180 12.21 -0.96 -24.95
CA ASN A 180 11.10 -0.02 -24.86
C ASN A 180 11.08 0.94 -26.06
N ALA A 181 12.27 1.23 -26.62
CA ALA A 181 12.40 2.24 -27.68
C ALA A 181 12.71 1.62 -29.04
N LEU A 182 12.34 0.35 -29.20
CA LEU A 182 12.60 -0.43 -30.40
C LEU A 182 12.29 0.33 -31.70
N GLU A 183 11.08 0.88 -31.81
CA GLU A 183 10.65 1.53 -33.05
C GLU A 183 11.45 2.82 -33.37
N GLY A 184 12.22 3.31 -32.42
CA GLY A 184 13.11 4.43 -32.67
C GLY A 184 14.50 4.02 -33.09
N LEU A 185 14.73 2.71 -33.23
CA LEU A 185 16.07 2.19 -33.50
C LEU A 185 16.07 1.29 -34.75
N GLU A 186 15.03 1.48 -35.56
CA GLU A 186 14.69 0.62 -36.68
C GLU A 186 15.87 0.28 -37.59
N GLU A 187 16.60 1.30 -37.99
CA GLU A 187 17.58 1.14 -39.07
C GLU A 187 18.86 0.42 -38.64
N VAL A 188 18.99 0.13 -37.34
CA VAL A 188 20.16 -0.61 -36.87
C VAL A 188 19.81 -1.96 -36.24
N ILE A 189 18.54 -2.35 -36.24
CA ILE A 189 18.11 -3.58 -35.55
C ILE A 189 18.39 -4.83 -36.38
N ASP A 190 18.83 -5.89 -35.71
CA ASP A 190 18.94 -7.21 -36.35
C ASP A 190 17.60 -7.91 -36.19
N TRP A 191 16.86 -8.05 -37.28
CA TRP A 191 15.50 -8.56 -37.18
C TRP A 191 15.39 -10.03 -36.79
N ASN A 192 16.48 -10.77 -36.92
CA ASN A 192 16.49 -12.14 -36.40
C ASN A 192 16.68 -12.18 -34.89
N LYS A 193 17.71 -11.46 -34.43
CA LYS A 193 18.05 -11.47 -33.01
C LYS A 193 16.97 -10.85 -32.16
N ILE A 194 16.22 -9.90 -32.70
CA ILE A 194 15.22 -9.21 -31.87
C ILE A 194 14.03 -10.10 -31.52
N MET A 195 13.80 -11.16 -32.29
CA MET A 195 12.62 -11.98 -32.09
C MET A 195 12.63 -12.71 -30.75
N ARG A 196 13.79 -12.82 -30.13
CA ARG A 196 13.87 -13.48 -28.84
C ARG A 196 13.16 -12.66 -27.76
N PHE A 197 12.82 -11.42 -28.10
CA PHE A 197 12.16 -10.53 -27.14
C PHE A 197 10.63 -10.55 -27.29
N GLN A 198 10.13 -11.40 -28.16
CA GLN A 198 8.69 -11.44 -28.44
C GLN A 198 7.92 -12.19 -27.35
N SER A 199 6.82 -11.61 -26.88
CA SER A 199 5.95 -12.29 -25.92
C SER A 199 5.13 -13.40 -26.60
N LYS A 200 4.54 -14.27 -25.79
CA LYS A 200 3.80 -15.41 -26.32
C LYS A 200 2.55 -14.99 -27.09
N ASP A 201 2.05 -13.78 -26.83
CA ASP A 201 0.90 -13.28 -27.59
C ASP A 201 1.32 -12.55 -28.88
N GLY A 202 2.61 -12.51 -29.15
CA GLY A 202 3.12 -11.94 -30.39
C GLY A 202 3.60 -10.50 -30.25
N SER A 203 3.32 -9.88 -29.10
CA SER A 203 3.70 -8.48 -28.92
C SER A 203 5.15 -8.31 -28.46
N PHE A 204 5.64 -7.08 -28.58
CA PHE A 204 6.94 -6.71 -28.02
C PHE A 204 6.74 -5.71 -26.89
N LEU A 205 7.05 -6.16 -25.68
CA LEU A 205 6.82 -5.41 -24.44
C LEU A 205 5.38 -4.88 -24.32
N SER A 206 4.43 -5.63 -24.87
CA SER A 206 3.00 -5.30 -24.86
C SER A 206 2.66 -4.03 -25.65
N SER A 207 3.63 -3.53 -26.40
CA SER A 207 3.51 -2.22 -27.07
C SER A 207 3.10 -2.39 -28.53
N PRO A 208 1.91 -1.92 -28.88
CA PRO A 208 1.45 -2.06 -30.27
C PRO A 208 2.34 -1.30 -31.26
N ALA A 209 2.83 -0.11 -30.90
CA ALA A 209 3.79 0.59 -31.77
C ALA A 209 5.02 -0.27 -32.04
N SER A 210 5.62 -0.80 -30.97
CA SER A 210 6.81 -1.61 -31.17
C SER A 210 6.48 -2.85 -32.00
N THR A 211 5.32 -3.43 -31.76
CA THR A 211 4.90 -4.65 -32.46
C THR A 211 4.64 -4.37 -33.95
N ALA A 212 4.03 -3.23 -34.23
CA ALA A 212 3.83 -2.78 -35.60
C ALA A 212 5.17 -2.60 -36.33
N CYS A 213 6.14 -2.03 -35.65
CA CYS A 213 7.46 -1.84 -36.26
C CYS A 213 8.10 -3.18 -36.62
N VAL A 214 8.06 -4.14 -35.69
CA VAL A 214 8.58 -5.47 -36.02
C VAL A 214 7.82 -6.07 -37.21
N LEU A 215 6.49 -5.97 -37.19
CA LEU A 215 5.68 -6.48 -38.30
C LEU A 215 6.06 -5.83 -39.64
N MET A 216 6.19 -4.51 -39.64
CA MET A 216 6.58 -3.77 -40.84
C MET A 216 7.88 -4.31 -41.43
N ASN A 217 8.82 -4.70 -40.58
CA ASN A 217 10.11 -5.12 -41.08
C ASN A 217 10.29 -6.61 -41.31
N THR A 218 9.35 -7.42 -40.83
CA THR A 218 9.55 -8.87 -40.87
C THR A 218 8.39 -9.65 -41.46
N GLY A 219 7.19 -9.07 -41.44
CA GLY A 219 5.99 -9.78 -41.83
C GLY A 219 5.49 -10.79 -40.81
N ASP A 220 6.14 -10.84 -39.64
CA ASP A 220 5.86 -11.89 -38.65
C ASP A 220 4.38 -12.07 -38.33
N GLU A 221 3.88 -13.28 -38.57
CA GLU A 221 2.45 -13.57 -38.37
C GLU A 221 1.94 -13.36 -36.94
N LYS A 222 2.74 -13.71 -35.93
CA LYS A 222 2.29 -13.53 -34.55
C LYS A 222 2.12 -12.05 -34.20
N CYS A 223 2.99 -11.20 -34.73
CA CYS A 223 2.81 -9.75 -34.59
C CYS A 223 1.47 -9.32 -35.19
N PHE A 224 1.18 -9.81 -36.40
CA PHE A 224 -0.09 -9.49 -37.04
C PHE A 224 -1.29 -9.91 -36.20
N THR A 225 -1.27 -11.15 -35.69
CA THR A 225 -2.38 -11.64 -34.89
C THR A 225 -2.61 -10.79 -33.63
N PHE A 226 -1.53 -10.44 -32.95
CA PHE A 226 -1.65 -9.58 -31.77
C PHE A 226 -2.38 -8.30 -32.14
N LEU A 227 -1.90 -7.64 -33.19
CA LEU A 227 -2.45 -6.35 -33.58
C LEU A 227 -3.86 -6.47 -34.13
N ASN A 228 -4.10 -7.49 -34.96
CA ASN A 228 -5.42 -7.68 -35.52
C ASN A 228 -6.46 -7.89 -34.42
N ASN A 229 -6.14 -8.75 -33.46
CA ASN A 229 -7.07 -9.06 -32.38
C ASN A 229 -7.29 -7.84 -31.49
N LEU A 230 -6.23 -7.07 -31.29
CA LEU A 230 -6.31 -5.91 -30.41
C LEU A 230 -7.21 -4.84 -31.05
N LEU A 231 -7.02 -4.59 -32.35
CA LEU A 231 -7.89 -3.67 -33.07
C LEU A 231 -9.37 -4.09 -32.97
N ASP A 232 -9.63 -5.38 -33.14
CA ASP A 232 -10.99 -5.87 -33.04
C ASP A 232 -11.58 -5.61 -31.66
N LYS A 233 -10.78 -5.87 -30.64
CA LYS A 233 -11.20 -5.69 -29.26
C LYS A 233 -11.51 -4.23 -28.96
N PHE A 234 -10.70 -3.34 -29.52
CA PHE A 234 -10.85 -1.91 -29.26
C PHE A 234 -11.70 -1.18 -30.31
N GLY A 235 -12.20 -1.91 -31.29
CA GLY A 235 -13.05 -1.32 -32.32
C GLY A 235 -12.32 -0.36 -33.25
N GLY A 236 -11.11 -0.73 -33.66
CA GLY A 236 -10.41 0.00 -34.71
C GLY A 236 -9.24 0.87 -34.26
N CYS A 237 -8.89 0.81 -32.98
CA CYS A 237 -7.71 1.49 -32.49
C CYS A 237 -6.97 0.56 -31.54
N VAL A 238 -5.85 1.03 -30.98
CA VAL A 238 -5.13 0.26 -29.96
C VAL A 238 -4.65 1.19 -28.85
N PRO A 239 -4.42 0.65 -27.64
CA PRO A 239 -3.88 1.36 -26.48
C PRO A 239 -2.35 1.36 -26.50
N CYS A 240 -1.70 1.91 -25.46
CA CYS A 240 -0.24 1.93 -25.48
C CYS A 240 0.36 0.61 -24.94
N MET A 241 -0.47 -0.19 -24.26
CA MET A 241 -0.04 -1.50 -23.76
C MET A 241 -1.25 -2.41 -23.57
N TYR A 242 -1.07 -3.70 -23.82
CA TYR A 242 -2.13 -4.69 -23.61
C TYR A 242 -1.52 -6.08 -23.64
N SER A 243 -2.10 -7.04 -22.92
CA SER A 243 -3.19 -6.79 -21.98
C SER A 243 -2.63 -6.27 -20.63
N ILE A 244 -3.52 -5.83 -19.74
CA ILE A 244 -3.11 -5.36 -18.42
C ILE A 244 -3.93 -6.08 -17.33
N ASP A 245 -4.21 -7.35 -17.56
CA ASP A 245 -5.14 -8.11 -16.71
C ASP A 245 -4.63 -8.37 -15.30
N LEU A 246 -3.32 -8.39 -15.10
CA LEU A 246 -2.78 -8.63 -13.76
C LEU A 246 -2.69 -7.31 -13.00
N LEU A 247 -2.12 -6.30 -13.66
CA LEU A 247 -2.00 -4.99 -13.06
C LEU A 247 -3.35 -4.42 -12.65
N GLU A 248 -4.34 -4.51 -13.54
CA GLU A 248 -5.64 -3.90 -13.24
C GLU A 248 -6.31 -4.54 -12.05
N ARG A 249 -6.30 -5.87 -11.97
CA ARG A 249 -6.88 -6.56 -10.83
C ARG A 249 -6.15 -6.20 -9.54
N LEU A 250 -4.83 -6.25 -9.57
CA LEU A 250 -4.04 -5.99 -8.35
C LEU A 250 -4.23 -4.56 -7.86
N SER A 251 -4.18 -3.61 -8.79
CA SER A 251 -4.29 -2.19 -8.41
C SER A 251 -5.71 -1.83 -7.97
N LEU A 252 -6.72 -2.41 -8.62
CA LEU A 252 -8.09 -2.17 -8.20
C LEU A 252 -8.28 -2.66 -6.77
N VAL A 253 -7.82 -3.87 -6.49
CA VAL A 253 -7.90 -4.40 -5.12
C VAL A 253 -7.13 -3.51 -4.14
N ASP A 254 -5.88 -3.21 -4.48
CA ASP A 254 -5.02 -2.42 -3.59
C ASP A 254 -5.64 -1.07 -3.31
N ASN A 255 -6.12 -0.40 -4.35
CA ASN A 255 -6.70 0.94 -4.18
C ASN A 255 -7.94 0.92 -3.30
N ILE A 256 -8.81 -0.04 -3.54
CA ILE A 256 -10.03 -0.19 -2.74
C ILE A 256 -9.69 -0.46 -1.27
N GLU A 257 -8.75 -1.37 -1.02
CA GLU A 257 -8.35 -1.63 0.35
C GLU A 257 -7.74 -0.39 1.00
N HIS A 258 -6.86 0.29 0.26
CA HIS A 258 -6.17 1.48 0.74
C HIS A 258 -7.16 2.61 1.08
N LEU A 259 -8.19 2.75 0.24
CA LEU A 259 -9.22 3.77 0.46
C LEU A 259 -10.10 3.51 1.68
N GLY A 260 -10.02 2.31 2.24
CA GLY A 260 -10.73 1.98 3.47
C GLY A 260 -12.06 1.27 3.24
N ILE A 261 -12.35 0.89 2.00
CA ILE A 261 -13.65 0.32 1.67
C ILE A 261 -13.61 -1.14 1.22
N GLY A 262 -12.53 -1.84 1.55
CA GLY A 262 -12.37 -3.22 1.15
C GLY A 262 -13.38 -4.19 1.74
N ARG A 263 -13.97 -3.86 2.87
CA ARG A 263 -14.85 -4.82 3.52
C ARG A 263 -16.13 -5.06 2.72
N HIS A 264 -16.45 -4.16 1.80
CA HIS A 264 -17.63 -4.27 0.97
C HIS A 264 -17.45 -5.21 -0.21
N PHE A 265 -16.21 -5.60 -0.47
CA PHE A 265 -15.92 -6.32 -1.71
C PHE A 265 -15.15 -7.63 -1.50
N LYS A 266 -15.32 -8.27 -0.35
CA LYS A 266 -14.53 -9.46 -0.03
C LYS A 266 -14.58 -10.54 -1.12
N GLN A 267 -15.78 -10.88 -1.58
CA GLN A 267 -15.90 -11.93 -2.59
C GLN A 267 -15.29 -11.51 -3.93
N GLU A 268 -15.54 -10.27 -4.34
CA GLU A 268 -15.00 -9.75 -5.59
C GLU A 268 -13.47 -9.75 -5.57
N ILE A 269 -12.92 -9.30 -4.44
CA ILE A 269 -11.48 -9.28 -4.26
C ILE A 269 -10.88 -10.67 -4.33
N LYS A 270 -11.53 -11.65 -3.67
CA LYS A 270 -11.02 -13.02 -3.71
C LYS A 270 -10.99 -13.53 -5.15
N GLY A 271 -12.02 -13.19 -5.91
CA GLY A 271 -12.08 -13.59 -7.31
C GLY A 271 -10.94 -13.01 -8.13
N ALA A 272 -10.71 -11.70 -7.98
CA ALA A 272 -9.65 -11.02 -8.70
C ALA A 272 -8.28 -11.58 -8.34
N LEU A 273 -8.05 -11.80 -7.05
CA LEU A 273 -6.77 -12.30 -6.59
C LEU A 273 -6.53 -13.77 -6.96
N ASP A 274 -7.58 -14.59 -6.94
CA ASP A 274 -7.45 -15.98 -7.39
C ASP A 274 -6.98 -16.02 -8.84
N TYR A 275 -7.54 -15.13 -9.65
CA TYR A 275 -7.12 -15.03 -11.04
C TYR A 275 -5.63 -14.68 -11.14
N VAL A 276 -5.20 -13.65 -10.42
CA VAL A 276 -3.79 -13.24 -10.46
C VAL A 276 -2.88 -14.36 -9.97
N TYR A 277 -3.30 -15.03 -8.91
CA TYR A 277 -2.48 -16.06 -8.29
C TYR A 277 -2.17 -17.18 -9.28
N ARG A 278 -3.12 -17.46 -10.18
CA ARG A 278 -2.92 -18.51 -11.19
C ARG A 278 -1.77 -18.17 -12.12
N HIS A 279 -1.52 -16.87 -12.27
CA HIS A 279 -0.48 -16.37 -13.17
C HIS A 279 0.79 -15.93 -12.44
N TRP A 280 0.83 -16.16 -11.14
CA TRP A 280 1.98 -15.77 -10.32
C TRP A 280 3.17 -16.66 -10.63
N SER A 281 4.35 -16.07 -10.73
CA SER A 281 5.56 -16.83 -11.10
C SER A 281 6.78 -16.42 -10.28
N GLU A 282 7.69 -17.37 -10.07
CA GLU A 282 8.93 -17.10 -9.34
C GLU A 282 9.77 -16.04 -10.06
N ARG A 283 9.49 -15.78 -11.33
CA ARG A 283 10.26 -14.77 -12.05
C ARG A 283 9.61 -13.39 -12.01
N GLY A 284 8.51 -13.27 -11.28
CA GLY A 284 7.78 -12.02 -11.22
C GLY A 284 6.72 -11.96 -12.30
N ILE A 285 5.92 -10.92 -12.29
CA ILE A 285 4.87 -10.76 -13.29
C ILE A 285 4.95 -9.39 -13.98
N GLY A 286 4.36 -9.31 -15.17
CA GLY A 286 4.21 -8.05 -15.89
C GLY A 286 2.76 -7.59 -15.81
N TRP A 287 2.41 -6.54 -16.56
CA TRP A 287 1.07 -5.98 -16.49
C TRP A 287 0.01 -7.02 -16.86
N GLY A 288 0.37 -7.92 -17.77
CA GLY A 288 -0.59 -8.88 -18.29
C GLY A 288 -0.06 -10.31 -18.28
N ARG A 289 -0.97 -11.25 -18.43
CA ARG A 289 -0.62 -12.67 -18.29
C ARG A 289 0.39 -13.13 -19.33
N ASP A 290 0.46 -12.44 -20.47
CA ASP A 290 1.32 -12.90 -21.56
C ASP A 290 2.69 -12.22 -21.66
N SER A 291 3.00 -11.33 -20.73
CA SER A 291 4.28 -10.63 -20.77
C SER A 291 5.50 -11.57 -20.69
N LEU A 292 6.46 -11.39 -21.61
CA LEU A 292 7.72 -12.10 -21.53
C LEU A 292 8.58 -11.52 -20.43
N VAL A 293 8.53 -10.19 -20.31
CA VAL A 293 9.37 -9.42 -19.39
C VAL A 293 8.51 -8.88 -18.25
N PRO A 294 8.78 -9.32 -17.01
CA PRO A 294 7.96 -8.82 -15.90
C PRO A 294 8.41 -7.42 -15.47
N ASP A 295 7.64 -6.78 -14.59
CA ASP A 295 8.05 -5.46 -14.12
C ASP A 295 7.94 -5.35 -12.61
N LEU A 296 8.74 -4.47 -12.05
CA LEU A 296 8.85 -4.34 -10.60
C LEU A 296 7.54 -3.88 -9.98
N ASN A 297 6.88 -2.93 -10.63
CA ASN A 297 5.65 -2.39 -10.05
C ASN A 297 4.58 -3.46 -9.86
N THR A 298 4.26 -4.17 -10.94
CA THR A 298 3.21 -5.17 -10.86
C THR A 298 3.64 -6.29 -9.91
N THR A 299 4.92 -6.66 -9.94
CA THR A 299 5.40 -7.74 -9.08
C THR A 299 5.32 -7.34 -7.60
N ALA A 300 5.77 -6.13 -7.28
CA ALA A 300 5.72 -5.65 -5.89
C ALA A 300 4.27 -5.52 -5.40
N LEU A 301 3.41 -4.98 -6.26
CA LEU A 301 1.98 -4.87 -5.93
C LEU A 301 1.41 -6.26 -5.71
N GLY A 302 1.88 -7.22 -6.51
CA GLY A 302 1.42 -8.60 -6.40
C GLY A 302 1.84 -9.23 -5.09
N LEU A 303 3.12 -9.07 -4.75
CA LEU A 303 3.67 -9.62 -3.53
C LEU A 303 2.90 -9.08 -2.32
N ARG A 304 2.75 -7.76 -2.27
CA ARG A 304 2.08 -7.14 -1.14
C ARG A 304 0.62 -7.58 -1.03
N THR A 305 -0.10 -7.51 -2.14
CA THR A 305 -1.54 -7.70 -2.12
C THR A 305 -1.91 -9.17 -1.89
N LEU A 306 -1.21 -10.06 -2.56
CA LEU A 306 -1.44 -11.49 -2.35
C LEU A 306 -1.07 -11.89 -0.92
N ARG A 307 0.05 -11.40 -0.43
CA ARG A 307 0.41 -11.73 0.95
C ARG A 307 -0.63 -11.20 1.94
N MET A 308 -1.08 -9.97 1.73
CA MET A 308 -2.05 -9.31 2.63
C MET A 308 -3.34 -10.11 2.66
N HIS A 309 -3.63 -10.83 1.59
CA HIS A 309 -4.86 -11.60 1.52
C HIS A 309 -4.70 -13.11 1.76
N GLY A 310 -3.61 -13.49 2.42
CA GLY A 310 -3.42 -14.85 2.88
C GLY A 310 -2.84 -15.83 1.87
N TYR A 311 -2.42 -15.34 0.71
CA TYR A 311 -1.82 -16.21 -0.30
C TYR A 311 -0.37 -16.47 0.07
N ASN A 312 0.13 -17.64 -0.31
CA ASN A 312 1.53 -17.96 -0.05
C ASN A 312 2.40 -17.44 -1.19
N VAL A 313 3.11 -16.37 -0.93
CA VAL A 313 4.02 -15.84 -1.93
C VAL A 313 5.40 -15.60 -1.32
N SER A 314 6.43 -15.76 -2.14
CA SER A 314 7.79 -15.59 -1.67
C SER A 314 8.34 -14.21 -2.01
N SER A 315 9.08 -13.63 -1.07
CA SER A 315 9.70 -12.33 -1.29
C SER A 315 10.84 -12.44 -2.28
N ASP A 316 11.30 -13.65 -2.54
CA ASP A 316 12.35 -13.87 -3.55
C ASP A 316 11.95 -13.39 -4.95
N VAL A 317 10.67 -13.19 -5.21
CA VAL A 317 10.28 -12.65 -6.51
C VAL A 317 10.93 -11.28 -6.74
N LEU A 318 11.31 -10.59 -5.66
CA LEU A 318 11.91 -9.28 -5.78
C LEU A 318 13.35 -9.33 -6.30
N ASN A 319 14.01 -10.47 -6.12
CA ASN A 319 15.39 -10.62 -6.59
C ASN A 319 15.49 -10.49 -8.10
N ASN A 320 14.37 -10.67 -8.78
CA ASN A 320 14.30 -10.50 -10.21
C ASN A 320 14.57 -9.07 -10.65
N PHE A 321 14.53 -8.14 -9.70
CA PHE A 321 14.63 -6.72 -10.03
C PHE A 321 15.81 -6.03 -9.35
N LYS A 322 16.72 -6.82 -8.80
CA LYS A 322 17.85 -6.26 -8.05
C LYS A 322 19.14 -6.53 -8.81
N ASP A 323 19.98 -5.51 -8.92
CA ASP A 323 21.24 -5.69 -9.64
C ASP A 323 22.40 -6.05 -8.71
N GLU A 324 23.60 -6.08 -9.28
CA GLU A 324 24.80 -6.44 -8.53
C GLU A 324 25.03 -5.53 -7.32
N ASN A 325 24.68 -4.25 -7.47
CA ASN A 325 24.96 -3.26 -6.44
C ASN A 325 23.84 -3.10 -5.41
N GLY A 326 22.87 -4.01 -5.44
CA GLY A 326 21.76 -3.94 -4.50
C GLY A 326 20.73 -2.88 -4.86
N ARG A 327 20.88 -2.28 -6.04
CA ARG A 327 19.88 -1.34 -6.54
C ARG A 327 18.81 -2.06 -7.33
N PHE A 328 17.61 -1.50 -7.35
CA PHE A 328 16.50 -2.12 -8.06
C PHE A 328 16.18 -1.35 -9.33
N PHE A 329 15.70 -2.06 -10.33
CA PHE A 329 15.28 -1.45 -11.57
C PHE A 329 13.84 -1.85 -11.84
N SER A 330 13.18 -1.12 -12.74
CA SER A 330 11.75 -1.32 -12.96
C SER A 330 11.50 -2.45 -13.95
N SER A 331 12.34 -2.56 -14.98
CA SER A 331 12.15 -3.61 -15.96
C SER A 331 13.40 -3.84 -16.78
N ALA A 332 13.68 -5.09 -17.14
CA ALA A 332 14.84 -5.39 -17.97
C ALA A 332 14.68 -4.79 -19.35
N GLY A 333 13.46 -4.39 -19.71
CA GLY A 333 13.17 -3.93 -21.05
C GLY A 333 13.25 -2.41 -21.22
N GLN A 334 13.78 -1.74 -20.21
CA GLN A 334 13.90 -0.27 -20.28
C GLN A 334 15.10 0.21 -19.48
N THR A 335 15.43 1.50 -19.60
CA THR A 335 16.53 2.03 -18.81
C THR A 335 16.07 2.87 -17.62
N HIS A 336 14.95 3.55 -17.76
CA HIS A 336 14.48 4.42 -16.69
C HIS A 336 13.87 3.65 -15.52
N VAL A 337 14.03 4.20 -14.33
CA VAL A 337 13.46 3.62 -13.11
C VAL A 337 12.25 4.44 -12.72
N GLU A 338 11.13 3.78 -12.54
CA GLU A 338 9.86 4.47 -12.32
C GLU A 338 9.62 4.67 -10.83
N LEU A 339 9.34 5.91 -10.45
CA LEU A 339 9.10 6.24 -9.05
C LEU A 339 8.00 5.38 -8.44
N ARG A 340 6.90 5.19 -9.17
CA ARG A 340 5.78 4.40 -8.63
C ARG A 340 6.23 2.99 -8.27
N SER A 341 7.08 2.41 -9.11
CA SER A 341 7.57 1.06 -8.83
C SER A 341 8.36 0.99 -7.51
N VAL A 342 9.09 2.05 -7.19
CA VAL A 342 9.87 2.09 -5.96
C VAL A 342 8.99 2.30 -4.73
N VAL A 343 7.94 3.09 -4.92
CA VAL A 343 6.92 3.24 -3.88
C VAL A 343 6.31 1.88 -3.56
N ASN A 344 5.90 1.14 -4.58
CA ASN A 344 5.30 -0.16 -4.33
C ASN A 344 6.29 -1.21 -3.81
N LEU A 345 7.55 -1.07 -4.19
CA LEU A 345 8.60 -1.92 -3.62
C LEU A 345 8.69 -1.70 -2.10
N PHE A 346 8.72 -0.44 -1.69
CA PHE A 346 8.75 -0.14 -0.26
C PHE A 346 7.51 -0.68 0.47
N ARG A 347 6.34 -0.44 -0.12
CA ARG A 347 5.09 -0.91 0.49
C ARG A 347 5.07 -2.43 0.62
N ALA A 348 5.63 -3.13 -0.37
CA ALA A 348 5.72 -4.59 -0.27
C ALA A 348 6.67 -4.99 0.86
N SER A 349 7.78 -4.27 1.03
CA SER A 349 8.73 -4.56 2.09
C SER A 349 8.12 -4.44 3.50
N ASP A 350 7.08 -3.62 3.65
CA ASP A 350 6.37 -3.49 4.92
C ASP A 350 5.87 -4.85 5.44
N LEU A 351 5.56 -5.77 4.52
CA LEU A 351 4.96 -7.05 4.92
C LEU A 351 5.98 -8.17 5.08
N ALA A 352 7.23 -7.78 5.33
CA ALA A 352 8.30 -8.77 5.50
C ALA A 352 8.03 -9.72 6.64
N PHE A 353 8.41 -10.98 6.44
CA PHE A 353 8.51 -11.97 7.51
C PHE A 353 9.98 -12.05 7.93
N PRO A 354 10.27 -12.71 9.06
CA PRO A 354 11.66 -12.75 9.53
C PRO A 354 12.61 -13.35 8.51
N ASP A 355 13.80 -12.76 8.43
CA ASP A 355 14.90 -13.32 7.65
C ASP A 355 14.60 -13.41 6.16
N GLU A 356 13.74 -12.54 5.67
CA GLU A 356 13.54 -12.42 4.22
C GLU A 356 14.50 -11.36 3.71
N ARG A 357 15.63 -11.82 3.19
CA ARG A 357 16.70 -10.92 2.76
C ARG A 357 16.26 -10.02 1.62
N ALA A 358 15.42 -10.52 0.71
CA ALA A 358 14.96 -9.69 -0.41
C ALA A 358 14.16 -8.48 0.08
N MET A 359 13.36 -8.66 1.12
CA MET A 359 12.61 -7.55 1.70
C MET A 359 13.57 -6.56 2.35
N ASP A 360 14.57 -7.06 3.06
CA ASP A 360 15.58 -6.20 3.66
C ASP A 360 16.28 -5.36 2.59
N ASP A 361 16.71 -6.02 1.52
CA ASP A 361 17.36 -5.32 0.42
C ASP A 361 16.43 -4.31 -0.22
N ALA A 362 15.17 -4.71 -0.43
CA ALA A 362 14.19 -3.82 -1.04
C ALA A 362 14.02 -2.52 -0.25
N ARG A 363 13.89 -2.65 1.06
CA ARG A 363 13.62 -1.48 1.91
C ARG A 363 14.87 -0.61 2.02
N LYS A 364 16.04 -1.25 2.09
CA LYS A 364 17.30 -0.51 2.15
C LYS A 364 17.53 0.34 0.91
N PHE A 365 17.08 -0.16 -0.25
CA PHE A 365 17.14 0.63 -1.47
C PHE A 365 16.02 1.67 -1.53
N ALA A 366 14.79 1.23 -1.29
CA ALA A 366 13.64 2.07 -1.57
C ALA A 366 13.50 3.25 -0.62
N GLU A 367 13.84 3.06 0.65
CA GLU A 367 13.56 4.13 1.61
C GLU A 367 14.36 5.41 1.30
N PRO A 368 15.69 5.29 1.16
CA PRO A 368 16.49 6.47 0.79
C PRO A 368 16.03 7.07 -0.53
N TYR A 369 15.65 6.21 -1.48
CA TYR A 369 15.19 6.66 -2.78
C TYR A 369 13.95 7.55 -2.66
N LEU A 370 13.01 7.13 -1.81
CA LEU A 370 11.79 7.89 -1.63
C LEU A 370 12.04 9.16 -0.82
N ARG A 371 12.89 9.07 0.18
CA ARG A 371 13.17 10.24 1.01
C ARG A 371 13.92 11.26 0.16
N GLU A 372 14.83 10.75 -0.66
CA GLU A 372 15.55 11.61 -1.59
C GLU A 372 14.57 12.29 -2.55
N ALA A 373 13.58 11.54 -3.04
CA ALA A 373 12.60 12.10 -3.97
C ALA A 373 11.72 13.15 -3.30
N LEU A 374 11.36 12.92 -2.06
CA LEU A 374 10.56 13.89 -1.31
C LEU A 374 11.34 15.18 -1.09
N ALA A 375 12.64 15.04 -0.82
CA ALA A 375 13.47 16.17 -0.44
C ALA A 375 14.03 16.93 -1.64
N THR A 376 13.94 16.32 -2.83
CA THR A 376 14.67 16.84 -3.99
C THR A 376 13.85 17.00 -5.27
N LYS A 377 12.81 16.20 -5.42
CA LYS A 377 12.13 16.11 -6.72
C LYS A 377 10.62 16.31 -6.72
N ILE A 378 9.96 16.00 -5.61
CA ILE A 378 8.51 16.12 -5.58
C ILE A 378 8.06 17.42 -4.93
N SER A 379 7.09 18.08 -5.54
CA SER A 379 6.53 19.33 -5.01
C SER A 379 5.74 19.05 -3.74
N THR A 380 6.04 19.81 -2.70
CA THR A 380 5.38 19.65 -1.40
C THR A 380 3.86 19.73 -1.47
N ASN A 381 3.33 20.56 -2.36
CA ASN A 381 1.88 20.77 -2.42
C ASN A 381 1.18 19.92 -3.48
N THR A 382 1.31 18.59 -3.39
CA THR A 382 0.67 17.70 -4.34
C THR A 382 0.12 16.47 -3.64
N LYS A 383 -0.80 15.78 -4.30
CA LYS A 383 -1.30 14.52 -3.74
C LYS A 383 -0.17 13.49 -3.68
N LEU A 384 0.73 13.54 -4.67
CA LEU A 384 1.83 12.57 -4.71
C LEU A 384 2.79 12.72 -3.53
N PHE A 385 3.10 13.95 -3.15
CA PHE A 385 3.97 14.20 -2.01
C PHE A 385 3.34 13.63 -0.74
N LYS A 386 2.05 13.93 -0.53
CA LYS A 386 1.34 13.47 0.65
C LYS A 386 1.29 11.95 0.68
N GLU A 387 1.04 11.34 -0.47
CA GLU A 387 0.92 9.88 -0.55
C GLU A 387 2.23 9.23 -0.15
N ILE A 388 3.32 9.65 -0.77
CA ILE A 388 4.63 9.07 -0.50
C ILE A 388 5.15 9.44 0.88
N GLU A 389 4.82 10.65 1.33
CA GLU A 389 5.17 11.02 2.69
C GLU A 389 4.52 10.05 3.68
N TYR A 390 3.26 9.72 3.47
CA TYR A 390 2.59 8.79 4.38
C TYR A 390 3.26 7.42 4.32
N VAL A 391 3.58 6.97 3.11
CA VAL A 391 4.22 5.66 2.93
C VAL A 391 5.47 5.47 3.80
N VAL A 392 6.32 6.49 3.88
CA VAL A 392 7.58 6.38 4.61
C VAL A 392 7.48 6.81 6.07
N GLU A 393 6.54 7.71 6.39
CA GLU A 393 6.40 8.19 7.77
C GLU A 393 5.46 7.33 8.62
N TYR A 394 4.47 6.72 7.96
CA TYR A 394 3.52 5.85 8.64
C TYR A 394 3.47 4.51 7.93
N PRO A 395 4.56 3.75 7.98
CA PRO A 395 4.56 2.44 7.34
C PRO A 395 3.61 1.48 8.04
N TRP A 396 3.43 0.32 7.45
CA TRP A 396 2.40 -0.63 7.89
C TRP A 396 2.30 -0.87 9.39
N HIS A 397 3.43 -1.09 10.06
CA HIS A 397 3.37 -1.43 11.49
C HIS A 397 3.00 -0.27 12.41
N MET A 398 2.89 0.94 11.85
CA MET A 398 2.41 2.11 12.61
C MET A 398 1.30 2.85 11.87
N SER A 399 0.61 2.13 11.00
CA SER A 399 -0.46 2.70 10.21
C SER A 399 -1.82 2.28 10.79
N ILE A 400 -2.46 3.21 11.49
CA ILE A 400 -3.80 2.95 12.02
C ILE A 400 -4.78 2.97 10.85
N PRO A 401 -5.62 1.93 10.74
CA PRO A 401 -6.48 1.80 9.55
C PRO A 401 -7.26 3.06 9.15
N ARG A 402 -7.95 3.73 10.08
CA ARG A 402 -8.70 4.91 9.72
C ARG A 402 -7.81 6.09 9.31
N LEU A 403 -6.62 6.20 9.89
CA LEU A 403 -5.68 7.25 9.49
C LEU A 403 -5.16 6.96 8.09
N GLU A 404 -4.90 5.69 7.82
CA GLU A 404 -4.40 5.31 6.50
C GLU A 404 -5.43 5.63 5.43
N ALA A 405 -6.67 5.24 5.70
CA ALA A 405 -7.77 5.50 4.78
C ALA A 405 -7.98 7.00 4.60
N ARG A 406 -8.01 7.75 5.70
CA ARG A 406 -8.26 9.18 5.62
C ARG A 406 -7.20 9.88 4.79
N SER A 407 -5.95 9.51 4.99
CA SER A 407 -4.85 10.09 4.23
C SER A 407 -4.97 9.75 2.74
N TYR A 408 -5.24 8.48 2.44
CA TYR A 408 -5.31 8.06 1.04
C TYR A 408 -6.49 8.69 0.29
N ILE A 409 -7.60 8.91 1.00
CA ILE A 409 -8.70 9.64 0.40
C ILE A 409 -8.26 11.02 -0.11
N ASP A 410 -7.35 11.68 0.60
CA ASP A 410 -6.82 12.98 0.17
C ASP A 410 -5.71 12.89 -0.87
N SER A 411 -5.13 11.71 -1.05
CA SER A 411 -4.03 11.58 -2.02
C SER A 411 -4.37 10.76 -3.27
N TYR A 412 -5.49 10.03 -3.23
CA TYR A 412 -5.96 9.29 -4.39
C TYR A 412 -6.43 10.27 -5.48
N ASP A 413 -5.86 10.14 -6.67
CA ASP A 413 -6.19 11.04 -7.77
C ASP A 413 -7.16 10.34 -8.72
N ASP A 414 -8.40 10.80 -8.77
CA ASP A 414 -9.42 10.15 -9.57
C ASP A 414 -9.53 10.73 -10.97
N ASN A 415 -8.60 11.62 -11.30
CA ASN A 415 -8.50 12.14 -12.67
C ASN A 415 -7.04 12.13 -13.11
N TYR A 416 -6.41 10.97 -12.94
CA TYR A 416 -4.99 10.83 -13.19
C TYR A 416 -4.75 10.27 -14.58
N VAL A 417 -3.63 10.67 -15.18
CA VAL A 417 -3.19 10.09 -16.42
C VAL A 417 -1.78 9.54 -16.25
N TRP A 418 -1.57 8.30 -16.70
CA TRP A 418 -0.26 7.65 -16.59
C TRP A 418 0.64 8.02 -17.76
N GLN A 419 1.94 7.97 -17.52
CA GLN A 419 2.92 8.24 -18.55
C GLN A 419 3.83 7.02 -18.77
N ARG A 420 3.82 6.48 -19.99
CA ARG A 420 4.91 5.60 -20.42
C ARG A 420 5.58 6.27 -21.63
N LYS A 421 5.55 5.67 -22.83
CA LYS A 421 6.07 6.42 -23.97
C LYS A 421 5.16 7.62 -24.27
N THR A 422 3.87 7.45 -24.03
CA THR A 422 2.89 8.54 -24.13
C THR A 422 1.89 8.41 -22.97
N LEU A 423 0.92 9.33 -22.92
CA LEU A 423 -0.05 9.35 -21.82
C LEU A 423 -1.20 8.39 -22.03
N TYR A 424 -1.71 7.82 -20.95
CA TYR A 424 -2.87 6.93 -21.02
C TYR A 424 -3.70 6.91 -19.75
N ARG A 425 -4.99 6.59 -19.90
CA ARG A 425 -5.89 6.45 -18.77
C ARG A 425 -6.19 4.98 -18.47
N MET A 426 -6.34 4.66 -17.19
CA MET A 426 -6.88 3.37 -16.78
C MET A 426 -8.05 3.64 -15.85
N PRO A 427 -9.26 3.70 -16.42
CA PRO A 427 -10.44 4.22 -15.71
C PRO A 427 -10.83 3.42 -14.47
N SER A 428 -10.49 2.14 -14.40
CA SER A 428 -10.73 1.35 -13.18
C SER A 428 -9.85 1.76 -12.01
N LEU A 429 -8.67 2.31 -12.31
CA LEU A 429 -7.63 2.53 -11.30
C LEU A 429 -7.58 3.97 -10.82
N SER A 430 -7.99 4.90 -11.69
CA SER A 430 -8.21 6.29 -11.31
C SER A 430 -9.69 6.56 -11.52
N ASN A 431 -10.46 6.33 -10.46
CA ASN A 431 -11.89 6.06 -10.59
C ASN A 431 -12.71 6.91 -9.62
N SER A 432 -13.54 7.79 -10.16
CA SER A 432 -14.34 8.68 -9.32
C SER A 432 -15.34 7.94 -8.43
N LYS A 433 -15.87 6.81 -8.88
CA LYS A 433 -16.81 6.05 -8.06
C LYS A 433 -16.12 5.50 -6.81
N CYS A 434 -14.91 4.97 -6.97
CA CYS A 434 -14.16 4.44 -5.83
C CYS A 434 -13.93 5.54 -4.79
N LEU A 435 -13.55 6.71 -5.26
CA LEU A 435 -13.23 7.82 -4.35
C LEU A 435 -14.49 8.36 -3.69
N GLU A 436 -15.55 8.54 -4.48
CA GLU A 436 -16.82 8.97 -3.93
C GLU A 436 -17.30 8.01 -2.84
N LEU A 437 -17.26 6.71 -3.13
CA LEU A 437 -17.65 5.73 -2.12
C LEU A 437 -16.78 5.81 -0.88
N ALA A 438 -15.47 5.97 -1.07
CA ALA A 438 -14.55 6.03 0.07
C ALA A 438 -14.94 7.19 0.98
N LYS A 439 -15.29 8.33 0.39
CA LYS A 439 -15.67 9.51 1.16
C LYS A 439 -16.99 9.29 1.91
N LEU A 440 -17.99 8.79 1.20
CA LEU A 440 -19.30 8.54 1.80
C LEU A 440 -19.18 7.51 2.92
N ASP A 441 -18.48 6.42 2.66
CA ASP A 441 -18.34 5.35 3.64
C ASP A 441 -17.57 5.83 4.87
N PHE A 442 -16.52 6.60 4.67
CA PHE A 442 -15.76 7.10 5.80
C PHE A 442 -16.69 7.92 6.70
N ASN A 443 -17.50 8.78 6.09
CA ASN A 443 -18.44 9.61 6.87
C ASN A 443 -19.47 8.78 7.63
N ILE A 444 -20.00 7.74 6.99
CA ILE A 444 -21.00 6.88 7.59
C ILE A 444 -20.42 6.10 8.76
N VAL A 445 -19.24 5.55 8.55
CA VAL A 445 -18.58 4.80 9.61
C VAL A 445 -18.19 5.74 10.75
N GLN A 446 -17.78 6.96 10.39
CA GLN A 446 -17.38 7.94 11.40
C GLN A 446 -18.55 8.27 12.31
N SER A 447 -19.75 8.42 11.73
CA SER A 447 -20.91 8.72 12.55
C SER A 447 -21.15 7.61 13.56
N LEU A 448 -20.90 6.37 13.14
CA LEU A 448 -21.00 5.25 14.06
C LEU A 448 -20.01 5.37 15.22
N HIS A 449 -18.76 5.71 14.91
CA HIS A 449 -17.73 5.88 15.93
C HIS A 449 -18.09 7.01 16.89
N GLN A 450 -18.65 8.08 16.33
CA GLN A 450 -19.08 9.21 17.14
C GLN A 450 -20.15 8.77 18.16
N GLU A 451 -21.08 7.93 17.72
CA GLU A 451 -22.09 7.40 18.64
C GLU A 451 -21.47 6.51 19.70
N GLU A 452 -20.50 5.69 19.29
CA GLU A 452 -19.79 4.85 20.23
C GLU A 452 -19.08 5.71 21.29
N LEU A 453 -18.49 6.82 20.86
CA LEU A 453 -17.82 7.72 21.78
C LEU A 453 -18.84 8.38 22.70
N LYS A 454 -20.03 8.64 22.17
CA LYS A 454 -21.12 9.22 22.94
C LYS A 454 -21.54 8.28 24.07
N LEU A 455 -21.67 6.99 23.76
CA LEU A 455 -21.97 5.97 24.77
C LEU A 455 -20.85 5.83 25.78
N LEU A 456 -19.61 5.93 25.31
CA LEU A 456 -18.46 5.81 26.19
C LEU A 456 -18.38 7.01 27.15
N THR A 457 -18.70 8.20 26.65
CA THR A 457 -18.76 9.38 27.50
C THR A 457 -19.89 9.28 28.53
N ARG A 458 -21.03 8.73 28.12
CA ARG A 458 -22.12 8.48 29.05
C ARG A 458 -21.66 7.51 30.15
N TRP A 459 -20.94 6.47 29.75
CA TRP A 459 -20.43 5.49 30.71
C TRP A 459 -19.41 6.11 31.63
N TRP A 460 -18.60 6.99 31.06
CA TRP A 460 -17.59 7.70 31.83
C TRP A 460 -18.26 8.38 33.03
N LYS A 461 -19.39 9.03 32.77
CA LYS A 461 -20.18 9.67 33.83
C LYS A 461 -20.84 8.66 34.78
N GLU A 462 -21.66 7.76 34.22
CA GLU A 462 -22.49 6.87 35.02
C GLU A 462 -21.70 5.85 35.87
N SER A 463 -20.54 5.44 35.38
CA SER A 463 -19.70 4.45 36.06
C SER A 463 -19.05 5.01 37.31
N GLY A 464 -18.89 6.33 37.36
CA GLY A 464 -18.20 6.97 38.46
C GLY A 464 -16.80 7.44 38.10
N MET A 465 -16.33 7.08 36.91
CA MET A 465 -15.00 7.50 36.47
C MET A 465 -14.84 9.01 36.50
N ALA A 466 -15.90 9.74 36.13
CA ALA A 466 -15.87 11.20 36.17
C ALA A 466 -15.70 11.68 37.60
N ASP A 467 -16.44 11.07 38.52
CA ASP A 467 -16.39 11.40 39.94
C ASP A 467 -14.99 11.23 40.53
N ILE A 468 -14.29 10.19 40.08
CA ILE A 468 -12.93 9.93 40.57
C ILE A 468 -11.89 10.65 39.72
N ASN A 469 -12.37 11.60 38.91
CA ASN A 469 -11.51 12.51 38.16
C ASN A 469 -10.71 11.86 37.05
N PHE A 470 -11.22 10.78 36.49
CA PHE A 470 -10.61 10.23 35.29
C PHE A 470 -10.78 11.25 34.17
N THR A 471 -9.71 11.53 33.43
CA THR A 471 -9.72 12.55 32.39
C THR A 471 -10.62 12.17 31.22
N ARG A 472 -11.59 13.02 30.92
CA ARG A 472 -12.55 12.74 29.86
C ARG A 472 -11.87 12.42 28.53
N HIS A 473 -10.87 13.22 28.15
CA HIS A 473 -10.24 13.08 26.84
C HIS A 473 -9.42 11.81 26.70
N ARG A 474 -9.01 11.22 27.82
CA ARG A 474 -8.28 9.96 27.76
C ARG A 474 -9.17 8.86 27.18
N VAL A 475 -10.48 8.98 27.39
CA VAL A 475 -11.41 8.01 26.84
C VAL A 475 -11.24 7.90 25.31
N ALA A 476 -11.25 9.05 24.64
CA ALA A 476 -11.14 9.09 23.17
C ALA A 476 -9.80 8.55 22.68
N GLU A 477 -8.75 8.75 23.48
CA GLU A 477 -7.42 8.30 23.10
C GLU A 477 -7.29 6.78 23.17
N VAL A 478 -7.84 6.18 24.23
CA VAL A 478 -7.88 4.73 24.33
C VAL A 478 -8.72 4.17 23.18
N TYR A 479 -9.90 4.77 22.97
CA TYR A 479 -10.80 4.35 21.89
C TYR A 479 -10.10 4.33 20.52
N PHE A 480 -9.41 5.42 20.20
CA PHE A 480 -8.64 5.50 18.95
C PHE A 480 -7.64 4.36 18.79
N SER A 481 -7.01 3.96 19.89
CA SER A 481 -5.97 2.94 19.87
C SER A 481 -6.50 1.55 19.58
N SER A 482 -7.82 1.36 19.69
CA SER A 482 -8.40 0.04 19.42
C SER A 482 -8.13 -0.44 17.98
N ALA A 483 -8.00 0.51 17.05
CA ALA A 483 -7.58 0.24 15.66
C ALA A 483 -8.60 -0.50 14.77
N THR A 484 -9.17 -1.58 15.29
CA THR A 484 -10.16 -2.38 14.56
C THR A 484 -11.48 -1.61 14.49
N PHE A 485 -11.76 -0.99 13.34
CA PHE A 485 -12.78 0.05 13.23
C PHE A 485 -14.11 -0.41 12.64
N GLU A 486 -14.18 -1.63 12.13
CA GLU A 486 -15.33 -2.04 11.32
C GLU A 486 -16.62 -1.96 12.14
N PRO A 487 -17.72 -1.55 11.49
CA PRO A 487 -19.00 -1.43 12.22
C PRO A 487 -19.40 -2.67 13.01
N GLU A 488 -19.12 -3.87 12.52
CA GLU A 488 -19.61 -5.07 13.19
C GLU A 488 -18.97 -5.32 14.56
N TYR A 489 -17.94 -4.55 14.88
CA TYR A 489 -17.18 -4.77 16.11
C TYR A 489 -17.40 -3.66 17.14
N SER A 490 -18.56 -3.03 17.10
CA SER A 490 -18.91 -1.96 18.05
C SER A 490 -18.77 -2.43 19.52
N ALA A 491 -19.38 -3.55 19.84
CA ALA A 491 -19.37 -4.04 21.22
C ALA A 491 -17.94 -4.28 21.70
N THR A 492 -17.12 -4.82 20.81
CA THR A 492 -15.73 -5.11 21.13
C THR A 492 -14.93 -3.83 21.43
N ARG A 493 -15.10 -2.81 20.60
CA ARG A 493 -14.43 -1.53 20.79
C ARG A 493 -14.86 -0.86 22.08
N ILE A 494 -16.17 -0.89 22.34
CA ILE A 494 -16.70 -0.28 23.55
C ILE A 494 -16.17 -0.95 24.83
N ALA A 495 -16.14 -2.28 24.84
CA ALA A 495 -15.63 -3.03 25.98
C ALA A 495 -14.11 -2.83 26.13
N PHE A 496 -13.40 -2.86 25.01
CA PHE A 496 -11.98 -2.59 25.01
C PHE A 496 -11.69 -1.22 25.63
N THR A 497 -12.48 -0.23 25.25
CA THR A 497 -12.22 1.15 25.70
C THR A 497 -12.49 1.29 27.21
N LYS A 498 -13.57 0.70 27.69
CA LYS A 498 -13.84 0.69 29.13
C LYS A 498 -12.71 0.01 29.91
N ILE A 499 -12.26 -1.15 29.44
CA ILE A 499 -11.21 -1.90 30.12
C ILE A 499 -9.87 -1.16 30.08
N GLY A 500 -9.55 -0.61 28.91
CA GLY A 500 -8.35 0.21 28.77
C GLY A 500 -8.35 1.40 29.71
N CYS A 501 -9.51 2.05 29.87
CA CYS A 501 -9.59 3.18 30.80
C CYS A 501 -9.28 2.73 32.23
N LEU A 502 -9.80 1.57 32.64
CA LEU A 502 -9.47 1.03 33.95
C LEU A 502 -7.97 0.71 34.06
N GLN A 503 -7.39 0.17 32.99
CA GLN A 503 -5.95 -0.11 32.99
C GLN A 503 -5.12 1.18 33.13
N VAL A 504 -5.55 2.26 32.48
CA VAL A 504 -4.88 3.54 32.64
C VAL A 504 -4.99 3.98 34.09
N LEU A 505 -6.20 3.85 34.64
CA LEU A 505 -6.45 4.20 36.04
C LEU A 505 -5.59 3.37 36.98
N PHE A 506 -5.60 2.05 36.77
CA PHE A 506 -4.85 1.11 37.60
C PHE A 506 -3.37 1.45 37.64
N ASP A 507 -2.79 1.72 36.48
CA ASP A 507 -1.36 1.99 36.42
C ASP A 507 -0.98 3.22 37.26
N ASP A 508 -1.76 4.28 37.14
CA ASP A 508 -1.53 5.48 37.95
C ASP A 508 -1.68 5.16 39.43
N MET A 509 -2.69 4.35 39.75
CA MET A 509 -2.95 3.90 41.11
C MET A 509 -1.73 3.21 41.71
N ALA A 510 -1.19 2.24 40.99
CA ALA A 510 -0.05 1.45 41.46
C ALA A 510 1.19 2.32 41.71
N ASP A 511 1.43 3.29 40.84
CA ASP A 511 2.57 4.18 41.01
C ASP A 511 2.32 5.22 42.11
N ILE A 512 1.62 6.28 41.73
CA ILE A 512 1.42 7.44 42.59
C ILE A 512 0.94 7.14 44.00
N PHE A 513 0.01 6.20 44.14
CA PHE A 513 -0.70 6.05 45.40
C PHE A 513 -0.38 4.79 46.21
N ALA A 514 -0.66 3.63 45.63
CA ALA A 514 -0.65 2.38 46.39
C ALA A 514 0.69 2.02 47.00
N THR A 515 0.65 1.54 48.25
CA THR A 515 1.80 0.87 48.85
C THR A 515 1.82 -0.56 48.36
N LEU A 516 2.94 -1.24 48.57
CA LEU A 516 3.05 -2.65 48.19
C LEU A 516 1.98 -3.50 48.87
N ASP A 517 1.77 -3.28 50.15
CA ASP A 517 0.76 -4.04 50.88
C ASP A 517 -0.62 -3.85 50.26
N GLU A 518 -0.95 -2.61 49.93
CA GLU A 518 -2.22 -2.29 49.32
C GLU A 518 -2.32 -2.92 47.93
N LEU A 519 -1.21 -2.94 47.20
CA LEU A 519 -1.16 -3.57 45.89
C LEU A 519 -1.44 -5.07 46.02
N LYS A 520 -0.76 -5.70 46.97
CA LYS A 520 -0.98 -7.12 47.24
C LYS A 520 -2.42 -7.42 47.65
N SER A 521 -2.99 -6.55 48.49
CA SER A 521 -4.39 -6.65 48.90
C SER A 521 -5.34 -6.57 47.70
N PHE A 522 -5.14 -5.55 46.86
CA PHE A 522 -5.93 -5.36 45.66
C PHE A 522 -5.86 -6.63 44.80
N THR A 523 -4.63 -7.13 44.63
CA THR A 523 -4.40 -8.31 43.80
C THR A 523 -5.06 -9.57 44.35
N GLU A 524 -5.04 -9.74 45.67
CA GLU A 524 -5.71 -10.89 46.26
C GLU A 524 -7.22 -10.80 46.05
N GLY A 525 -7.74 -9.59 46.03
CA GLY A 525 -9.15 -9.35 45.76
C GLY A 525 -9.48 -9.74 44.34
N VAL A 526 -8.57 -9.47 43.41
CA VAL A 526 -8.75 -9.93 42.04
C VAL A 526 -8.72 -11.45 41.99
N LYS A 527 -7.78 -12.06 42.73
CA LYS A 527 -7.67 -13.52 42.71
C LYS A 527 -8.92 -14.19 43.29
N ARG A 528 -9.56 -13.54 44.25
CA ARG A 528 -10.79 -14.09 44.85
C ARG A 528 -12.00 -13.78 43.98
N TRP A 529 -11.84 -12.80 43.09
CA TRP A 529 -12.92 -12.31 42.24
C TRP A 529 -14.16 -12.01 43.09
N ASP A 530 -13.96 -11.24 44.16
CA ASP A 530 -15.05 -10.77 44.99
C ASP A 530 -14.65 -9.53 45.80
N THR A 531 -15.58 -9.03 46.62
CA THR A 531 -15.34 -7.79 47.34
C THR A 531 -14.93 -8.04 48.80
N SER A 532 -14.48 -9.25 49.09
CA SER A 532 -14.18 -9.64 50.47
C SER A 532 -12.98 -8.90 51.10
N LEU A 533 -12.17 -8.24 50.27
CA LEU A 533 -10.99 -7.57 50.81
C LEU A 533 -10.98 -6.07 50.57
N LEU A 534 -12.13 -5.52 50.16
CA LEU A 534 -12.23 -4.09 49.97
C LEU A 534 -11.80 -3.31 51.21
N HIS A 535 -12.03 -3.89 52.39
CA HIS A 535 -11.76 -3.21 53.65
C HIS A 535 -10.27 -2.98 53.91
N GLU A 536 -9.43 -3.76 53.23
CA GLU A 536 -7.99 -3.69 53.41
C GLU A 536 -7.29 -2.54 52.68
N ILE A 537 -8.03 -1.80 51.84
CA ILE A 537 -7.42 -0.75 51.04
C ILE A 537 -8.10 0.59 51.19
N PRO A 538 -7.40 1.68 50.83
CA PRO A 538 -7.93 3.05 50.92
C PRO A 538 -9.18 3.26 50.08
N GLU A 539 -10.06 4.13 50.57
CA GLU A 539 -11.34 4.42 49.91
C GLU A 539 -11.21 4.63 48.41
N CYS A 540 -10.17 5.36 47.99
CA CYS A 540 -9.99 5.66 46.58
C CYS A 540 -9.71 4.38 45.79
N MET A 541 -8.92 3.48 46.36
CA MET A 541 -8.64 2.20 45.73
C MET A 541 -9.87 1.30 45.73
N GLN A 542 -10.65 1.37 46.80
CA GLN A 542 -11.91 0.64 46.86
C GLN A 542 -12.80 1.04 45.70
N THR A 543 -12.91 2.35 45.46
CA THR A 543 -13.72 2.85 44.35
C THR A 543 -13.22 2.29 43.02
N CYS A 544 -11.90 2.28 42.83
CA CYS A 544 -11.31 1.72 41.62
C CYS A 544 -11.70 0.25 41.46
N PHE A 545 -11.58 -0.52 42.53
CA PHE A 545 -11.90 -1.94 42.48
C PHE A 545 -13.38 -2.15 42.13
N LYS A 546 -14.26 -1.34 42.73
CA LYS A 546 -15.69 -1.46 42.53
C LYS A 546 -16.15 -1.11 41.11
N VAL A 547 -15.57 -0.06 40.54
CA VAL A 547 -15.87 0.31 39.16
C VAL A 547 -15.45 -0.84 38.25
N TRP A 548 -14.27 -1.38 38.50
CA TRP A 548 -13.74 -2.49 37.73
C TRP A 548 -14.61 -3.73 37.89
N PHE A 549 -14.95 -4.07 39.12
CA PHE A 549 -15.71 -5.29 39.37
C PHE A 549 -17.09 -5.25 38.75
N LYS A 550 -17.71 -4.08 38.75
CA LYS A 550 -19.02 -3.91 38.14
C LYS A 550 -18.89 -4.09 36.62
N LEU A 551 -17.89 -3.46 36.04
CA LEU A 551 -17.60 -3.62 34.61
C LEU A 551 -17.44 -5.08 34.25
N MET A 552 -16.64 -5.81 35.03
CA MET A 552 -16.42 -7.24 34.79
C MET A 552 -17.74 -7.99 34.69
N GLU A 553 -18.66 -7.66 35.60
CA GLU A 553 -19.96 -8.33 35.64
C GLU A 553 -20.75 -8.08 34.36
N GLU A 554 -20.82 -6.81 33.96
CA GLU A 554 -21.58 -6.41 32.77
C GLU A 554 -20.98 -7.04 31.52
N VAL A 555 -19.65 -6.97 31.41
CA VAL A 555 -18.95 -7.51 30.26
C VAL A 555 -19.08 -9.03 30.20
N ASN A 556 -18.95 -9.70 31.34
CA ASN A 556 -19.03 -11.16 31.37
C ASN A 556 -20.44 -11.66 31.03
N ASN A 557 -21.45 -10.90 31.44
CA ASN A 557 -22.83 -11.21 31.04
C ASN A 557 -22.97 -11.16 29.52
N ASP A 558 -22.30 -10.20 28.89
CA ASP A 558 -22.34 -10.07 27.43
C ASP A 558 -21.59 -11.20 26.74
N VAL A 559 -20.49 -11.63 27.34
CA VAL A 559 -19.70 -12.76 26.83
C VAL A 559 -20.51 -14.06 26.84
N VAL A 560 -21.36 -14.23 27.86
CA VAL A 560 -22.23 -15.40 27.89
C VAL A 560 -23.18 -15.41 26.69
N LYS A 561 -23.77 -14.27 26.37
CA LYS A 561 -24.65 -14.15 25.20
C LYS A 561 -23.94 -14.52 23.90
N VAL A 562 -22.77 -13.92 23.66
CA VAL A 562 -22.04 -14.15 22.42
C VAL A 562 -21.45 -15.55 22.31
N GLN A 563 -20.78 -16.00 23.37
CA GLN A 563 -20.06 -17.27 23.32
C GLN A 563 -20.93 -18.49 23.65
N GLY A 564 -22.15 -18.27 24.12
CA GLY A 564 -23.07 -19.35 24.40
C GLY A 564 -22.89 -20.08 25.72
N ARG A 565 -21.87 -19.72 26.49
CA ARG A 565 -21.66 -20.33 27.80
C ARG A 565 -20.74 -19.46 28.65
N ASP A 566 -20.65 -19.80 29.93
CA ASP A 566 -19.84 -19.03 30.86
C ASP A 566 -18.35 -19.20 30.56
N MET A 567 -17.61 -18.10 30.54
CA MET A 567 -16.18 -18.17 30.27
C MET A 567 -15.37 -17.48 31.37
N LEU A 568 -15.98 -17.35 32.55
CA LEU A 568 -15.34 -16.66 33.67
C LEU A 568 -13.97 -17.27 33.99
N ALA A 569 -13.88 -18.58 33.99
CA ALA A 569 -12.63 -19.25 34.33
C ALA A 569 -11.49 -18.80 33.40
N HIS A 570 -11.80 -18.58 32.13
CA HIS A 570 -10.79 -18.08 31.19
C HIS A 570 -10.49 -16.63 31.51
N ILE A 571 -11.56 -15.86 31.70
CA ILE A 571 -11.48 -14.42 31.82
C ILE A 571 -10.70 -13.96 33.06
N ARG A 572 -10.74 -14.77 34.12
CA ARG A 572 -10.02 -14.44 35.35
C ARG A 572 -8.50 -14.45 35.21
N LYS A 573 -7.99 -15.34 34.36
CA LYS A 573 -6.55 -15.55 34.26
C LYS A 573 -5.73 -14.31 33.87
N PRO A 574 -6.14 -13.61 32.79
CA PRO A 574 -5.32 -12.46 32.40
C PRO A 574 -5.30 -11.36 33.46
N TRP A 575 -6.41 -11.18 34.17
CA TRP A 575 -6.47 -10.17 35.21
C TRP A 575 -5.58 -10.56 36.39
N GLU A 576 -5.58 -11.84 36.75
CA GLU A 576 -4.67 -12.30 37.80
C GLU A 576 -3.21 -12.13 37.39
N LEU A 577 -2.86 -12.58 36.18
CA LEU A 577 -1.49 -12.47 35.68
C LEU A 577 -1.00 -11.02 35.71
N TYR A 578 -1.84 -10.13 35.21
CA TYR A 578 -1.55 -8.69 35.14
C TYR A 578 -1.24 -8.12 36.52
N PHE A 579 -2.16 -8.31 37.45
CA PHE A 579 -1.94 -7.76 38.79
C PHE A 579 -0.76 -8.40 39.53
N ASN A 580 -0.53 -9.69 39.34
CA ASN A 580 0.62 -10.36 39.94
C ASN A 580 1.92 -9.73 39.44
N CYS A 581 1.96 -9.39 38.16
CA CYS A 581 3.14 -8.75 37.59
C CYS A 581 3.36 -7.37 38.20
N TYR A 582 2.27 -6.67 38.53
CA TYR A 582 2.38 -5.40 39.24
C TYR A 582 3.08 -5.59 40.58
N VAL A 583 2.69 -6.62 41.33
CA VAL A 583 3.33 -6.85 42.62
C VAL A 583 4.80 -7.23 42.42
N GLN A 584 5.08 -8.05 41.40
CA GLN A 584 6.47 -8.43 41.15
C GLN A 584 7.33 -7.21 40.86
N GLU A 585 6.84 -6.32 39.99
CA GLU A 585 7.56 -5.08 39.68
C GLU A 585 7.92 -4.33 40.96
N ARG A 586 6.94 -4.21 41.87
CA ARG A 586 7.10 -3.39 43.07
C ARG A 586 8.04 -4.06 44.07
N GLU A 587 8.00 -5.38 44.12
CA GLU A 587 8.92 -6.13 44.97
C GLU A 587 10.36 -5.87 44.53
N TRP A 588 10.60 -5.90 43.22
CA TRP A 588 11.95 -5.61 42.73
C TRP A 588 12.36 -4.18 43.00
N LEU A 589 11.46 -3.23 42.78
CA LEU A 589 11.75 -1.81 42.97
C LEU A 589 12.17 -1.53 44.41
N GLU A 590 11.43 -2.08 45.36
CA GLU A 590 11.72 -1.84 46.77
C GLU A 590 13.02 -2.53 47.19
N ALA A 591 13.39 -3.58 46.48
CA ALA A 591 14.60 -4.34 46.79
C ALA A 591 15.77 -3.87 45.93
N GLY A 592 15.55 -2.83 45.13
CA GLY A 592 16.55 -2.29 44.24
C GLY A 592 17.13 -3.31 43.27
N TYR A 593 16.31 -4.29 42.89
CA TYR A 593 16.79 -5.40 42.07
C TYR A 593 16.65 -5.16 40.56
N ILE A 594 17.71 -5.44 39.82
CA ILE A 594 17.73 -5.32 38.37
C ILE A 594 17.84 -6.71 37.75
N PRO A 595 16.74 -7.18 37.14
CA PRO A 595 16.69 -8.55 36.61
C PRO A 595 17.58 -8.73 35.37
N THR A 596 17.78 -9.97 34.97
CA THR A 596 18.38 -10.25 33.67
C THR A 596 17.37 -9.82 32.60
N PHE A 597 17.81 -9.72 31.35
CA PHE A 597 16.94 -9.31 30.26
C PHE A 597 15.76 -10.27 30.18
N GLU A 598 16.06 -11.56 30.24
CA GLU A 598 15.03 -12.59 30.11
C GLU A 598 14.05 -12.55 31.28
N GLU A 599 14.58 -12.47 32.48
CA GLU A 599 13.77 -12.39 33.68
C GLU A 599 12.91 -11.12 33.66
N TYR A 600 13.51 -10.02 33.23
CA TYR A 600 12.78 -8.76 33.11
C TYR A 600 11.56 -8.91 32.20
N LEU A 601 11.77 -9.48 31.03
CA LEU A 601 10.70 -9.60 30.04
C LEU A 601 9.59 -10.54 30.53
N LYS A 602 9.97 -11.62 31.20
CA LYS A 602 8.99 -12.58 31.72
C LYS A 602 7.87 -11.87 32.50
N THR A 603 8.24 -10.87 33.30
CA THR A 603 7.26 -10.10 34.06
C THR A 603 6.73 -8.88 33.29
N TYR A 604 7.64 -8.07 32.77
CA TYR A 604 7.25 -6.80 32.16
C TYR A 604 6.54 -6.93 30.80
N ALA A 605 6.75 -8.03 30.11
CA ALA A 605 6.04 -8.23 28.83
C ALA A 605 4.56 -8.51 29.11
N ILE A 606 4.26 -9.01 30.31
CA ILE A 606 2.88 -9.21 30.73
C ILE A 606 2.30 -7.94 31.33
N SER A 607 3.07 -7.30 32.22
CA SER A 607 2.59 -6.10 32.89
C SER A 607 2.25 -4.96 31.93
N VAL A 608 2.82 -4.95 30.74
CA VAL A 608 2.55 -3.85 29.82
C VAL A 608 1.06 -3.81 29.48
N GLY A 609 0.42 -4.98 29.50
CA GLY A 609 -1.04 -5.03 29.61
C GLY A 609 -1.89 -5.48 28.42
N LEU A 610 -1.34 -6.32 27.55
CA LEU A 610 -2.11 -6.81 26.40
C LEU A 610 -3.21 -7.80 26.82
N GLY A 611 -2.97 -8.54 27.90
CA GLY A 611 -3.88 -9.58 28.34
C GLY A 611 -5.29 -9.08 28.62
N PRO A 612 -5.44 -8.16 29.58
CA PRO A 612 -6.80 -7.76 29.97
C PRO A 612 -7.57 -7.01 28.89
N CYS A 613 -6.88 -6.23 28.05
CA CYS A 613 -7.61 -5.42 27.09
C CYS A 613 -7.99 -6.22 25.86
N THR A 614 -7.57 -7.50 25.82
CA THR A 614 -7.89 -8.33 24.64
C THR A 614 -8.85 -9.52 24.84
N LEU A 615 -8.74 -10.24 25.96
CA LEU A 615 -9.57 -11.46 26.11
C LEU A 615 -11.07 -11.19 26.08
N GLN A 616 -11.57 -10.35 26.99
CA GLN A 616 -13.00 -10.05 26.98
C GLN A 616 -13.48 -9.42 25.66
N PRO A 617 -12.75 -8.41 25.13
CA PRO A 617 -13.17 -7.83 23.85
C PRO A 617 -13.20 -8.83 22.68
N ILE A 618 -12.23 -9.74 22.56
CA ILE A 618 -12.25 -10.65 21.40
C ILE A 618 -13.36 -11.68 21.52
N LEU A 619 -13.80 -11.94 22.75
CA LEU A 619 -14.93 -12.84 22.99
C LEU A 619 -16.26 -12.22 22.60
N LEU A 620 -16.29 -10.91 22.40
CA LEU A 620 -17.49 -10.22 21.94
C LEU A 620 -17.53 -9.96 20.43
N MET A 621 -16.53 -10.43 19.70
CA MET A 621 -16.45 -10.13 18.27
C MET A 621 -17.47 -10.91 17.45
N GLY A 622 -17.78 -12.14 17.86
CA GLY A 622 -18.79 -12.93 17.17
C GLY A 622 -18.32 -14.33 16.85
N GLU A 623 -17.04 -14.46 16.51
CA GLU A 623 -16.46 -15.78 16.27
C GLU A 623 -16.44 -16.64 17.53
N LEU A 624 -16.64 -17.94 17.33
CA LEU A 624 -16.60 -18.89 18.44
C LEU A 624 -15.18 -19.09 18.93
N VAL A 625 -14.97 -18.91 20.22
CA VAL A 625 -13.67 -19.24 20.79
C VAL A 625 -13.87 -20.41 21.73
N LYS A 626 -13.49 -21.60 21.28
CA LYS A 626 -13.65 -22.81 22.08
C LYS A 626 -12.64 -22.84 23.22
N ASP A 627 -12.94 -23.61 24.26
CA ASP A 627 -12.09 -23.65 25.44
C ASP A 627 -10.63 -23.92 25.08
N ASP A 628 -10.40 -24.87 24.17
CA ASP A 628 -9.04 -25.26 23.82
C ASP A 628 -8.35 -24.26 22.89
N VAL A 629 -9.12 -23.32 22.35
CA VAL A 629 -8.58 -22.35 21.41
C VAL A 629 -8.13 -21.06 22.11
N VAL A 630 -8.62 -20.83 23.32
CA VAL A 630 -8.27 -19.60 24.03
C VAL A 630 -6.76 -19.38 24.05
N GLU A 631 -6.01 -20.43 24.38
CA GLU A 631 -4.56 -20.35 24.49
C GLU A 631 -3.87 -20.25 23.12
N LYS A 632 -4.62 -20.52 22.06
CA LYS A 632 -4.07 -20.50 20.70
C LYS A 632 -4.19 -19.11 20.09
N VAL A 633 -5.14 -18.31 20.58
CA VAL A 633 -5.36 -16.99 20.04
C VAL A 633 -4.96 -15.89 21.05
N HIS A 634 -5.13 -16.19 22.33
CA HIS A 634 -4.75 -15.25 23.39
C HIS A 634 -3.40 -15.71 23.95
N TYR A 635 -3.16 -15.42 25.23
CA TYR A 635 -1.92 -15.84 25.90
C TYR A 635 -1.93 -17.37 26.09
N PRO A 636 -0.78 -18.03 25.88
CA PRO A 636 0.54 -17.54 25.48
C PRO A 636 0.90 -17.87 24.03
N SER A 637 -0.03 -17.72 23.10
CA SER A 637 0.26 -18.03 21.70
C SER A 637 1.39 -17.16 21.17
N ASN A 638 2.11 -17.62 20.15
CA ASN A 638 3.25 -16.86 19.62
C ASN A 638 2.88 -15.44 19.18
N MET A 639 1.84 -15.29 18.38
CA MET A 639 1.48 -13.96 17.88
C MET A 639 1.20 -13.02 19.04
N PHE A 640 0.45 -13.52 20.02
CA PHE A 640 0.10 -12.73 21.20
C PHE A 640 1.35 -12.30 21.95
N GLU A 641 2.26 -13.25 22.19
CA GLU A 641 3.49 -12.99 22.91
C GLU A 641 4.37 -11.98 22.17
N LEU A 642 4.38 -12.07 20.84
CA LEU A 642 5.15 -11.16 20.00
C LEU A 642 4.61 -9.74 20.06
N VAL A 643 3.30 -9.60 20.03
CA VAL A 643 2.71 -8.28 20.18
C VAL A 643 3.05 -7.73 21.57
N SER A 644 2.92 -8.58 22.59
CA SER A 644 3.27 -8.17 23.95
C SER A 644 4.72 -7.68 24.01
N LEU A 645 5.62 -8.46 23.44
CA LEU A 645 7.03 -8.09 23.39
C LEU A 645 7.24 -6.73 22.69
N SER A 646 6.62 -6.53 21.54
CA SER A 646 6.72 -5.24 20.85
C SER A 646 6.19 -4.09 21.72
N TRP A 647 5.11 -4.35 22.46
CA TRP A 647 4.54 -3.34 23.35
C TRP A 647 5.52 -2.91 24.44
N ARG A 648 6.03 -3.88 25.19
CA ARG A 648 6.93 -3.61 26.32
C ARG A 648 8.21 -2.93 25.87
N LEU A 649 8.90 -3.53 24.91
CA LEU A 649 10.21 -2.97 24.49
C LEU A 649 10.12 -1.59 23.83
N THR A 650 9.09 -1.36 23.03
CA THR A 650 8.96 -0.07 22.37
C THR A 650 8.63 0.99 23.42
N ASN A 651 7.78 0.63 24.37
CA ASN A 651 7.47 1.53 25.46
C ASN A 651 8.74 1.88 26.25
N ASP A 652 9.55 0.86 26.52
CA ASP A 652 10.79 1.04 27.26
C ASP A 652 11.71 2.07 26.60
N THR A 653 11.94 1.92 25.30
CA THR A 653 12.88 2.81 24.62
C THR A 653 12.41 4.26 24.71
N LYS A 654 11.09 4.45 24.70
CA LYS A 654 10.51 5.78 24.71
C LYS A 654 10.51 6.43 26.10
N THR A 655 10.43 5.61 27.14
CA THR A 655 10.11 6.13 28.48
C THR A 655 11.08 5.74 29.59
N TYR A 656 12.11 4.96 29.27
CA TYR A 656 13.01 4.51 30.34
C TYR A 656 13.79 5.67 30.95
N GLN A 657 14.08 6.70 30.16
CA GLN A 657 14.82 7.86 30.67
C GLN A 657 14.05 8.57 31.79
N ALA A 658 12.79 8.91 31.52
CA ALA A 658 11.94 9.59 32.50
C ALA A 658 11.73 8.73 33.74
N GLU A 659 11.61 7.42 33.54
CA GLU A 659 11.39 6.50 34.65
C GLU A 659 12.60 6.39 35.57
N LYS A 660 13.79 6.39 34.99
CA LYS A 660 15.02 6.35 35.77
C LYS A 660 15.10 7.59 36.66
N ALA A 661 14.68 8.72 36.12
CA ALA A 661 14.70 9.98 36.87
C ALA A 661 13.68 9.99 38.00
N ARG A 662 12.80 8.99 38.00
CA ARG A 662 11.81 8.83 39.06
C ARG A 662 12.18 7.72 40.03
N GLY A 663 13.36 7.14 39.86
CA GLY A 663 13.83 6.10 40.75
C GLY A 663 13.61 4.67 40.26
N GLN A 664 13.05 4.52 39.07
CA GLN A 664 12.84 3.19 38.50
C GLN A 664 14.09 2.73 37.74
N GLN A 665 14.69 1.63 38.17
CA GLN A 665 15.95 1.17 37.58
C GLN A 665 15.74 0.10 36.52
N ALA A 666 14.75 -0.77 36.72
CA ALA A 666 14.52 -1.89 35.82
C ALA A 666 13.89 -1.46 34.49
N SER A 667 14.53 -1.81 33.39
CA SER A 667 14.03 -1.54 32.05
C SER A 667 14.73 -2.47 31.08
N GLY A 668 14.22 -2.58 29.87
CA GLY A 668 14.92 -3.37 28.86
C GLY A 668 16.36 -2.90 28.71
N ILE A 669 16.55 -1.59 28.75
CA ILE A 669 17.88 -1.01 28.57
C ILE A 669 18.83 -1.43 29.69
N ALA A 670 18.42 -1.21 30.94
CA ALA A 670 19.28 -1.48 32.08
C ALA A 670 19.57 -2.97 32.24
N CYS A 671 18.55 -3.80 31.99
CA CYS A 671 18.71 -5.24 32.17
C CYS A 671 19.60 -5.84 31.09
N TYR A 672 19.49 -5.34 29.85
CA TYR A 672 20.37 -5.82 28.79
C TYR A 672 21.81 -5.45 29.11
N MET A 673 22.02 -4.22 29.57
CA MET A 673 23.35 -3.75 29.92
C MET A 673 23.96 -4.56 31.06
N LYS A 674 23.15 -4.88 32.07
CA LYS A 674 23.63 -5.70 33.17
C LYS A 674 24.05 -7.09 32.69
N ASP A 675 23.32 -7.63 31.73
CA ASP A 675 23.67 -8.93 31.15
C ASP A 675 24.93 -8.83 30.31
N ASN A 676 25.21 -7.63 29.81
CA ASN A 676 26.22 -7.45 28.77
C ASN A 676 27.21 -6.33 29.05
N PRO A 677 28.10 -6.53 30.04
CA PRO A 677 29.07 -5.49 30.41
C PRO A 677 29.87 -5.02 29.20
N GLY A 678 29.93 -3.70 28.99
CA GLY A 678 30.58 -3.16 27.82
C GLY A 678 29.58 -2.57 26.85
N ALA A 679 28.35 -3.08 26.89
CA ALA A 679 27.28 -2.52 26.08
C ALA A 679 26.81 -1.19 26.66
N THR A 680 26.71 -0.19 25.79
CA THR A 680 26.22 1.14 26.19
C THR A 680 24.70 1.17 26.14
N GLU A 681 24.11 2.28 26.58
CA GLU A 681 22.68 2.47 26.42
C GLU A 681 22.33 2.46 24.93
N GLU A 682 23.17 3.10 24.12
CA GLU A 682 22.95 3.13 22.68
C GLU A 682 22.94 1.70 22.11
N ASP A 683 23.90 0.88 22.54
CA ASP A 683 23.96 -0.52 22.12
C ASP A 683 22.69 -1.27 22.50
N ALA A 684 22.22 -1.07 23.73
CA ALA A 684 21.04 -1.77 24.21
C ALA A 684 19.80 -1.34 23.42
N ILE A 685 19.68 -0.04 23.16
CA ILE A 685 18.56 0.49 22.38
C ILE A 685 18.58 -0.09 20.97
N LYS A 686 19.76 -0.15 20.36
CA LYS A 686 19.89 -0.71 19.03
C LYS A 686 19.45 -2.17 19.03
N HIS A 687 19.93 -2.93 20.00
CA HIS A 687 19.57 -4.34 20.12
C HIS A 687 18.07 -4.49 20.32
N ILE A 688 17.51 -3.66 21.19
CA ILE A 688 16.09 -3.71 21.50
C ILE A 688 15.25 -3.39 20.26
N CYS A 689 15.69 -2.41 19.48
CA CYS A 689 14.98 -2.09 18.25
C CYS A 689 15.03 -3.25 17.26
N ARG A 690 16.16 -3.95 17.20
CA ARG A 690 16.24 -5.13 16.33
C ARG A 690 15.28 -6.23 16.79
N VAL A 691 15.22 -6.43 18.11
CA VAL A 691 14.30 -7.40 18.69
C VAL A 691 12.86 -7.02 18.34
N VAL A 692 12.51 -5.74 18.48
CA VAL A 692 11.16 -5.29 18.16
C VAL A 692 10.84 -5.46 16.67
N ASP A 693 11.77 -5.04 15.81
CA ASP A 693 11.61 -5.18 14.36
C ASP A 693 11.35 -6.61 13.97
N ARG A 694 12.16 -7.53 14.51
CA ARG A 694 11.97 -8.96 14.24
C ARG A 694 10.64 -9.47 14.79
N ALA A 695 10.23 -8.95 15.94
CA ALA A 695 9.00 -9.44 16.57
C ALA A 695 7.80 -9.01 15.72
N LEU A 696 7.87 -7.81 15.13
CA LEU A 696 6.78 -7.32 14.29
C LEU A 696 6.67 -8.17 13.02
N LYS A 697 7.81 -8.51 12.44
CA LYS A 697 7.82 -9.37 11.25
C LYS A 697 7.33 -10.78 11.58
N GLU A 698 7.77 -11.29 12.72
CA GLU A 698 7.32 -12.61 13.15
C GLU A 698 5.82 -12.63 13.45
N ALA A 699 5.32 -11.56 14.06
CA ALA A 699 3.88 -11.48 14.34
C ALA A 699 3.10 -11.49 13.03
N SER A 700 3.63 -10.82 12.02
CA SER A 700 3.03 -10.79 10.69
C SER A 700 2.98 -12.19 10.08
N PHE A 701 4.08 -12.91 10.16
CA PHE A 701 4.10 -14.31 9.73
C PHE A 701 3.02 -15.14 10.43
N GLU A 702 2.97 -15.05 11.77
CA GLU A 702 1.98 -15.78 12.55
C GLU A 702 0.55 -15.37 12.18
N TYR A 703 0.36 -14.08 11.92
CA TYR A 703 -0.98 -13.59 11.59
C TYR A 703 -1.51 -14.18 10.28
N PHE A 704 -0.67 -14.20 9.26
CA PHE A 704 -1.09 -14.68 7.94
C PHE A 704 -1.07 -16.20 7.83
N LYS A 705 -0.41 -16.85 8.78
CA LYS A 705 -0.29 -18.31 8.81
C LYS A 705 -1.66 -19.02 8.89
N PRO A 706 -1.97 -19.86 7.91
CA PRO A 706 -3.28 -20.55 7.89
C PRO A 706 -3.46 -21.43 9.12
N SER A 707 -4.68 -21.50 9.63
CA SER A 707 -4.99 -22.38 10.75
C SER A 707 -6.39 -22.96 10.57
N ASN A 708 -6.59 -24.20 11.01
CA ASN A 708 -7.91 -24.81 10.91
C ASN A 708 -8.77 -24.54 12.15
N ASP A 709 -8.21 -23.87 13.15
CA ASP A 709 -8.96 -23.68 14.40
C ASP A 709 -8.91 -22.29 15.03
N ILE A 710 -7.98 -21.44 14.58
CA ILE A 710 -7.89 -20.12 15.19
C ILE A 710 -8.72 -19.10 14.42
N PRO A 711 -9.67 -18.43 15.11
CA PRO A 711 -10.57 -17.48 14.46
C PRO A 711 -9.80 -16.24 13.98
N MET A 712 -9.89 -15.91 12.71
CA MET A 712 -9.10 -14.83 12.15
C MET A 712 -9.54 -13.42 12.61
N GLY A 713 -10.83 -13.21 12.85
CA GLY A 713 -11.29 -11.92 13.32
C GLY A 713 -10.66 -11.59 14.66
N CYS A 714 -10.66 -12.57 15.56
CA CYS A 714 -10.04 -12.42 16.88
C CYS A 714 -8.53 -12.17 16.75
N LYS A 715 -7.87 -12.91 15.86
CA LYS A 715 -6.44 -12.70 15.59
C LYS A 715 -6.18 -11.28 15.12
N SER A 716 -7.07 -10.76 14.27
CA SER A 716 -6.92 -9.45 13.69
C SER A 716 -6.98 -8.35 14.75
N PHE A 717 -7.88 -8.51 15.72
CA PHE A 717 -7.97 -7.52 16.78
C PHE A 717 -6.66 -7.46 17.55
N ILE A 718 -6.15 -8.62 17.94
CA ILE A 718 -4.91 -8.68 18.70
C ILE A 718 -3.74 -8.16 17.87
N PHE A 719 -3.64 -8.61 16.63
CA PHE A 719 -2.56 -8.19 15.73
C PHE A 719 -2.57 -6.66 15.52
N ASN A 720 -3.74 -6.07 15.27
CA ASN A 720 -3.79 -4.63 15.03
C ASN A 720 -3.64 -3.76 16.28
N LEU A 721 -3.57 -4.40 17.45
CA LEU A 721 -3.22 -3.66 18.68
C LEU A 721 -1.74 -3.32 18.73
N ARG A 722 -0.95 -3.93 17.84
CA ARG A 722 0.48 -3.60 17.78
C ARG A 722 0.68 -2.16 17.33
N LEU A 723 -0.28 -1.64 16.55
CA LEU A 723 -0.12 -0.36 15.87
C LEU A 723 -0.02 0.84 16.84
N CYS A 724 -0.87 0.88 17.85
CA CYS A 724 -0.94 2.06 18.71
C CYS A 724 0.40 2.36 19.38
N VAL A 725 1.08 1.32 19.86
CA VAL A 725 2.37 1.51 20.50
C VAL A 725 3.44 1.99 19.52
N GLN A 726 3.47 1.41 18.32
CA GLN A 726 4.41 1.86 17.30
C GLN A 726 4.21 3.32 16.93
N ILE A 727 2.97 3.78 16.91
CA ILE A 727 2.69 5.14 16.50
C ILE A 727 2.91 6.13 17.66
N PHE A 728 2.58 5.73 18.89
CA PHE A 728 2.75 6.63 20.03
C PHE A 728 4.13 6.59 20.71
N TYR A 729 4.81 5.46 20.66
CA TYR A 729 6.08 5.31 21.37
C TYR A 729 7.25 5.13 20.41
N LYS A 730 7.08 5.61 19.18
CA LYS A 730 8.12 5.47 18.17
C LYS A 730 9.43 6.06 18.66
N PHE A 731 10.52 5.33 18.43
CA PHE A 731 11.85 5.79 18.82
C PHE A 731 12.33 6.88 17.87
N ASN A 739 5.01 17.32 11.80
CA ASN A 739 4.32 16.08 12.13
C ASN A 739 3.04 16.30 12.95
N GLU A 740 2.33 15.21 13.23
CA GLU A 740 1.05 15.29 13.93
C GLU A 740 1.03 14.50 15.23
N GLU A 741 0.09 14.85 16.11
CA GLU A 741 -0.03 14.23 17.41
C GLU A 741 -1.42 13.63 17.56
N ILE A 742 -1.65 12.94 18.67
CA ILE A 742 -2.92 12.27 18.93
C ILE A 742 -4.15 13.16 18.72
N LYS A 743 -4.06 14.43 19.10
CA LYS A 743 -5.21 15.32 18.94
C LYS A 743 -5.54 15.52 17.46
N ASP A 744 -4.51 15.55 16.63
CA ASP A 744 -4.69 15.67 15.18
C ASP A 744 -5.33 14.39 14.64
N TYR A 745 -4.87 13.23 15.12
CA TYR A 745 -5.41 11.97 14.64
C TYR A 745 -6.91 11.89 14.94
N ILE A 746 -7.27 12.25 16.17
CA ILE A 746 -8.66 12.18 16.60
C ILE A 746 -9.53 13.14 15.78
N ARG A 747 -9.00 14.33 15.49
CA ARG A 747 -9.75 15.27 14.66
C ARG A 747 -10.05 14.64 13.31
N LYS A 748 -9.00 14.11 12.66
CA LYS A 748 -9.09 13.56 11.31
C LYS A 748 -10.03 12.37 11.24
N VAL A 749 -9.99 11.55 12.28
CA VAL A 749 -10.69 10.28 12.24
C VAL A 749 -12.11 10.35 12.83
N TYR A 750 -12.29 11.15 13.87
CA TYR A 750 -13.59 11.15 14.58
C TYR A 750 -14.36 12.47 14.58
N ILE A 751 -13.69 13.59 14.33
CA ILE A 751 -14.38 14.88 14.43
C ILE A 751 -14.80 15.47 13.09
N ASP A 752 -13.84 15.70 12.21
CA ASP A 752 -14.10 16.34 10.92
C ASP A 752 -14.63 15.34 9.90
N PRO A 753 -15.81 15.62 9.34
CA PRO A 753 -16.30 14.76 8.25
C PRO A 753 -15.55 15.12 6.98
N ILE A 754 -15.71 14.31 5.94
CA ILE A 754 -15.11 14.61 4.65
C ILE A 754 -16.13 15.30 3.75
N GLN A 755 -15.73 16.42 3.14
CA GLN A 755 -16.60 17.10 2.17
C GLN A 755 -16.88 16.17 1.00
N VAL A 756 -18.15 15.96 0.69
CA VAL A 756 -18.54 15.04 -0.37
C VAL A 756 -19.16 15.78 -1.57
MG MG B . 7.43 2.91 30.31
MG MG C . 5.11 1.77 35.44
MG MG D . -11.17 18.88 -36.43
C01 A3C E . 2.73 0.37 31.05
O01 A3C E . 3.90 1.08 30.72
C02 A3C E . 1.46 1.23 31.11
P02 A3C E . 4.88 1.63 31.89
N03 A3C E . 1.49 2.40 30.26
O03 A3C E . 4.49 3.16 32.19
P04 A3C E . 4.56 4.23 30.98
O05 A3C E . 4.47 5.59 31.58
O06 A3C E . 6.30 1.42 31.48
O07 A3C E . 4.65 0.85 33.10
O08 A3C E . 3.48 4.04 29.97
O09 A3C E . 5.85 4.28 30.24
C11 A3C E . 1.16 1.98 28.91
C12 A3C E . -0.10 1.09 28.83
C13 A3C E . 0.55 3.41 30.73
C21 A3C E . -0.84 1.23 27.49
C22 A3C E . 0.06 0.71 26.39
C23 A3C E . -0.59 1.01 25.10
C24 A3C E . -2.05 0.60 24.93
C25 A3C E . -2.91 1.15 26.08
C26 A3C E . -4.40 0.85 25.87
C27 A3C E . -5.11 1.39 27.12
C28 A3C E . -4.54 0.81 28.41
C29 A3C E . -3.07 1.20 28.60
C30 A3C E . -2.27 0.67 27.40
C31 A3C E . 1.24 0.06 26.32
C32 A3C E . -4.71 -0.64 25.73
C33 A3C E . -4.97 1.61 24.67
C34 A3C E . -2.14 -0.83 27.68
C01 A3C F . 3.43 11.71 28.75
O01 A3C F . 3.38 11.56 30.15
C02 A3C F . 2.32 10.93 28.04
P02 A3C F . 1.98 11.57 30.96
N03 A3C F . 1.86 11.67 26.88
O03 A3C F . 1.02 12.62 30.18
P04 A3C F . -0.56 12.43 30.44
O05 A3C F . -1.32 13.32 29.52
O06 A3C F . 2.18 11.92 32.40
O07 A3C F . 1.36 10.22 30.87
O08 A3C F . -0.97 12.69 31.83
O09 A3C F . -0.99 11.05 30.04
C11 A3C F . 0.58 11.09 26.56
C12 A3C F . 0.82 9.72 25.92
C13 A3C F . 1.76 13.10 27.12
C21 A3C F . -0.47 9.15 25.32
C22 A3C F . -0.49 9.60 23.90
C23 A3C F . -1.81 9.21 23.33
C24 A3C F . -2.30 7.77 23.57
C25 A3C F . -2.11 7.31 25.01
C26 A3C F . -2.63 5.88 25.22
C27 A3C F . -2.22 5.47 26.63
C28 A3C F . -1.80 6.66 27.49
C29 A3C F . -0.52 7.31 26.98
C30 A3C F . -0.70 7.64 25.49
C31 A3C F . 0.37 10.23 23.07
C32 A3C F . -2.04 4.88 24.23
C33 A3C F . -4.15 5.83 25.11
C34 A3C F . 0.50 6.95 24.85
C1 EDO G . -3.79 -6.71 7.97
O1 EDO G . -3.53 -5.29 7.85
C2 EDO G . -4.56 -6.98 9.26
O2 EDO G . -5.78 -6.21 9.29
C1 EDO H . 0.26 2.26 -10.50
O1 EDO H . 0.69 1.19 -9.64
C2 EDO H . -0.89 1.80 -11.38
O2 EDO H . -1.99 1.39 -10.56
C1 EDO I . 7.44 -18.52 -5.99
O1 EDO I . 8.44 -17.51 -5.92
C2 EDO I . 6.08 -17.87 -5.76
O2 EDO I . 6.24 -16.85 -4.77
#